data_3SP1
#
_entry.id   3SP1
#
_cell.length_a   62.620
_cell.length_b   49.890
_cell.length_c   179.630
_cell.angle_alpha   90.00
_cell.angle_beta   93.18
_cell.angle_gamma   90.00
#
_symmetry.space_group_name_H-M   'P 1 21 1'
#
loop_
_entity.id
_entity.type
_entity.pdbx_description
1 polymer 'Cysteinyl-tRNA synthetase'
2 non-polymer 'ZINC ION'
3 non-polymer 'ADENOSINE MONOPHOSPHATE'
4 non-polymer 'CHLORIDE ION'
5 water water
#
_entity_poly.entity_id   1
_entity_poly.type   'polypeptide(L)'
_entity_poly.pdbx_seq_one_letter_code
;MAHHHHHHMGTLEAQTQGPGSMILKLYNTRTKDFSELTNFENVKVYACGPTVYNYAHIGNFRTYIFGDLLIKTLRFLGYK
VNYAMNITDIGHLTGDLDDGEDKVAKTAREKGLTVYEISEFFTEAFFNDCRKLNIVYPDKVLVASKHIPIMIEVVKILEE
KKITYFSNGNVYFDTSCFKSYGEMAGIDLIDKDMTLPRVDVDKFKRNKTDFVLWFTNSKFKDQEMKWDSPWGFGYPSWHL
ECAAMNLEYFKDALDIHLGGVDHIGVHHINEIAIAECFLNKKWCDVFVHGEFLIMDYNKMSKSRGNFITVKDLEDQNFSP
LDFRYLCLTSHYRNQLKFSLDNLQASKIARENLINKLSYFYESLDPVDLNTLNKDLKNFGFSVEKEYYDSFVEKISFDLN
VAQGLALLWEIIKSDNLSFVSKLRLAFIFDEIMSLNLREEILKNLQNHDVVIDENMKALIEERRIAKCEKNFKRADEIRD
FFAKKGFVLVDTKEGTKVKRG
;
_entity_poly.pdbx_strand_id   A,B
#
loop_
_chem_comp.id
_chem_comp.type
_chem_comp.name
_chem_comp.formula
AMP non-polymer 'ADENOSINE MONOPHOSPHATE' 'C10 H14 N5 O7 P'
CL non-polymer 'CHLORIDE ION' 'Cl -1'
ZN non-polymer 'ZINC ION' 'Zn 2'
#
# COMPACT_ATOMS: atom_id res chain seq x y z
N MET A 22 -17.88 -23.58 43.47
CA MET A 22 -18.13 -22.10 43.55
C MET A 22 -17.68 -21.31 42.33
N ILE A 23 -18.59 -20.46 41.86
CA ILE A 23 -18.40 -19.64 40.66
C ILE A 23 -17.69 -18.33 41.00
N LEU A 24 -16.61 -18.01 40.30
CA LEU A 24 -16.03 -16.69 40.40
C LEU A 24 -16.88 -15.62 39.71
N LYS A 25 -17.13 -14.54 40.45
CA LYS A 25 -17.89 -13.39 40.03
C LYS A 25 -16.81 -12.30 40.00
N LEU A 26 -16.65 -11.59 38.86
CA LEU A 26 -15.70 -10.49 38.78
C LEU A 26 -16.30 -9.25 38.16
N TYR A 27 -15.71 -8.10 38.51
CA TYR A 27 -16.17 -6.85 37.93
C TYR A 27 -15.60 -6.67 36.52
N ASN A 28 -16.51 -6.75 35.53
CA ASN A 28 -16.20 -6.65 34.10
C ASN A 28 -16.36 -5.22 33.57
N THR A 29 -15.28 -4.63 33.12
CA THR A 29 -15.29 -3.26 32.60
C THR A 29 -16.11 -3.14 31.32
N ARG A 30 -16.19 -4.22 30.55
CA ARG A 30 -16.97 -4.23 29.33
C ARG A 30 -18.46 -3.96 29.53
N THR A 31 -18.98 -4.32 30.71
CA THR A 31 -20.43 -4.32 30.98
C THR A 31 -20.80 -3.58 32.26
N LYS A 32 -19.81 -3.11 33.01
CA LYS A 32 -20.04 -2.37 34.26
C LYS A 32 -20.94 -3.11 35.30
N ASP A 33 -20.85 -4.44 35.28
CA ASP A 33 -21.46 -5.30 36.30
C ASP A 33 -20.54 -6.53 36.48
N PHE A 34 -20.85 -7.40 37.45
CA PHE A 34 -20.03 -8.61 37.69
C PHE A 34 -20.35 -9.75 36.69
N SER A 35 -19.35 -10.36 36.08
CA SER A 35 -19.67 -11.48 35.23
C SER A 35 -19.43 -12.76 35.97
N GLU A 36 -20.30 -13.74 35.72
CA GLU A 36 -20.25 -15.07 36.33
C GLU A 36 -19.43 -15.95 35.42
N LEU A 37 -18.63 -16.84 36.01
CA LEU A 37 -17.70 -17.64 35.22
C LEU A 37 -18.00 -19.12 35.37
N THR A 38 -18.83 -19.63 34.48
CA THR A 38 -19.47 -20.93 34.62
C THR A 38 -18.74 -22.07 33.89
N ASN A 39 -17.69 -21.73 33.18
CA ASN A 39 -16.99 -22.66 32.33
C ASN A 39 -15.71 -23.14 33.05
N PHE A 40 -15.84 -24.14 33.92
CA PHE A 40 -14.67 -24.64 34.67
C PHE A 40 -13.58 -25.37 33.86
N GLU A 41 -13.89 -25.84 32.64
CA GLU A 41 -13.00 -26.78 31.97
C GLU A 41 -11.76 -26.10 31.42
N ASN A 42 -11.89 -24.94 30.79
CA ASN A 42 -10.68 -24.33 30.23
C ASN A 42 -10.73 -22.82 30.00
N VAL A 43 -10.41 -22.06 31.04
CA VAL A 43 -10.50 -20.61 30.98
C VAL A 43 -9.17 -20.01 30.49
N LYS A 44 -9.26 -19.15 29.48
CA LYS A 44 -8.08 -18.51 28.88
C LYS A 44 -7.97 -17.07 29.36
N VAL A 45 -6.78 -16.67 29.82
CA VAL A 45 -6.54 -15.35 30.43
C VAL A 45 -5.30 -14.75 29.79
N TYR A 46 -5.43 -13.49 29.36
CA TYR A 46 -4.32 -12.73 28.81
C TYR A 46 -4.10 -11.48 29.65
N ALA A 47 -2.84 -11.24 29.97
CA ALA A 47 -2.48 -10.07 30.73
C ALA A 47 -1.44 -9.28 29.94
N CYS A 48 -1.64 -7.96 29.73
CA CYS A 48 -0.60 -7.19 29.06
C CYS A 48 0.58 -7.22 30.00
N GLY A 49 1.76 -7.47 29.44
CA GLY A 49 2.97 -7.63 30.22
C GLY A 49 3.78 -6.35 30.22
N PRO A 50 5.03 -6.40 30.68
CA PRO A 50 5.76 -5.14 30.77
C PRO A 50 6.54 -4.72 29.51
N THR A 51 6.94 -3.44 29.51
CA THR A 51 7.97 -2.89 28.61
C THR A 51 9.26 -3.35 29.23
N VAL A 52 10.28 -3.65 28.43
CA VAL A 52 11.47 -4.28 28.97
C VAL A 52 12.72 -3.51 28.61
N TYR A 53 12.75 -2.25 29.04
CA TYR A 53 13.76 -1.29 28.64
C TYR A 53 14.35 -0.70 29.89
N ASN A 54 13.71 -1.04 31.00
CA ASN A 54 14.22 -0.72 32.32
C ASN A 54 13.58 -1.68 33.33
N TYR A 55 14.05 -1.66 34.58
CA TYR A 55 13.39 -2.39 35.64
C TYR A 55 11.96 -1.91 35.76
N ALA A 56 11.04 -2.82 36.02
CA ALA A 56 9.69 -2.43 36.37
C ALA A 56 9.73 -1.85 37.79
N HIS A 57 8.74 -1.01 38.09
CA HIS A 57 8.60 -0.41 39.39
C HIS A 57 7.38 -1.01 40.05
N ILE A 58 7.28 -0.78 41.37
CA ILE A 58 6.28 -1.42 42.22
C ILE A 58 4.82 -1.17 41.81
N GLY A 59 4.56 -0.05 41.12
CA GLY A 59 3.28 0.19 40.45
C GLY A 59 2.90 -0.93 39.47
N ASN A 60 3.81 -1.24 38.55
CA ASN A 60 3.65 -2.42 37.68
C ASN A 60 3.35 -3.70 38.45
N PHE A 61 4.02 -3.91 39.56
CA PHE A 61 3.83 -5.12 40.32
C PHE A 61 2.55 -5.19 41.13
N ARG A 62 1.96 -4.07 41.53
CA ARG A 62 0.61 -4.08 42.03
C ARG A 62 -0.29 -4.79 41.02
N THR A 63 -0.28 -4.34 39.77
CA THR A 63 -1.02 -4.97 38.70
C THR A 63 -0.64 -6.45 38.46
N TYR A 64 0.64 -6.79 38.49
CA TYR A 64 0.96 -8.20 38.36
C TYR A 64 0.55 -9.03 39.58
N ILE A 65 0.50 -8.43 40.77
CA ILE A 65 0.04 -9.18 41.94
C ILE A 65 -1.47 -9.44 41.82
N PHE A 66 -2.19 -8.42 41.34
CA PHE A 66 -3.57 -8.56 40.88
C PHE A 66 -3.83 -9.76 39.90
N GLY A 67 -3.02 -9.92 38.86
CA GLY A 67 -3.20 -11.05 37.89
C GLY A 67 -3.02 -12.39 38.59
N ASP A 68 -1.95 -12.44 39.35
CA ASP A 68 -1.60 -13.52 40.28
C ASP A 68 -2.76 -13.92 41.20
N LEU A 69 -3.25 -12.99 42.04
CA LEU A 69 -4.40 -13.23 42.91
C LEU A 69 -5.57 -13.85 42.13
N LEU A 70 -5.71 -13.49 40.86
CA LEU A 70 -6.86 -13.87 40.07
C LEU A 70 -6.69 -15.28 39.57
N ILE A 71 -5.59 -15.53 38.85
CA ILE A 71 -5.30 -16.91 38.40
C ILE A 71 -5.28 -17.81 39.63
N LYS A 72 -4.58 -17.43 40.70
CA LYS A 72 -4.60 -18.27 41.90
C LYS A 72 -6.00 -18.52 42.47
N THR A 73 -6.91 -17.56 42.35
CA THR A 73 -8.25 -17.77 42.84
C THR A 73 -9.04 -18.70 41.94
N LEU A 74 -9.01 -18.47 40.65
CA LEU A 74 -9.66 -19.44 39.76
C LEU A 74 -9.17 -20.86 40.05
N ARG A 75 -7.85 -21.09 39.98
CA ARG A 75 -7.30 -22.40 40.31
C ARG A 75 -7.80 -22.94 41.66
N PHE A 76 -7.74 -22.13 42.72
CA PHE A 76 -8.19 -22.52 44.10
C PHE A 76 -9.67 -22.95 44.06
N LEU A 77 -10.47 -22.25 43.26
CA LEU A 77 -11.91 -22.57 43.14
C LEU A 77 -12.20 -23.74 42.21
N GLY A 78 -11.20 -24.23 41.49
CA GLY A 78 -11.33 -25.51 40.78
C GLY A 78 -11.42 -25.39 39.28
N TYR A 79 -11.13 -24.19 38.77
CA TYR A 79 -11.07 -23.92 37.34
C TYR A 79 -9.70 -24.37 36.78
N LYS A 80 -9.67 -24.81 35.52
CA LYS A 80 -8.41 -25.09 34.85
C LYS A 80 -8.08 -23.90 33.97
N VAL A 81 -6.95 -23.27 34.27
CA VAL A 81 -6.66 -21.99 33.69
C VAL A 81 -5.41 -22.06 32.81
N ASN A 82 -5.50 -21.48 31.62
CA ASN A 82 -4.31 -21.28 30.80
C ASN A 82 -4.05 -19.80 30.64
N TYR A 83 -2.94 -19.39 31.19
CA TYR A 83 -2.69 -17.99 31.38
C TYR A 83 -1.48 -17.57 30.56
N ALA A 84 -1.66 -16.49 29.80
CA ALA A 84 -0.61 -16.00 28.89
C ALA A 84 -0.28 -14.56 29.17
N MET A 85 0.99 -14.22 29.02
CA MET A 85 1.39 -12.82 29.14
C MET A 85 2.30 -12.43 28.02
N ASN A 86 2.09 -11.25 27.44
CA ASN A 86 3.08 -10.78 26.45
C ASN A 86 4.25 -10.07 27.10
N ILE A 87 5.34 -9.97 26.34
CA ILE A 87 6.51 -9.17 26.68
C ILE A 87 6.73 -8.24 25.48
N THR A 88 6.71 -6.94 25.70
CA THR A 88 6.90 -6.02 24.59
C THR A 88 8.40 -5.72 24.49
N ASP A 89 9.07 -6.27 23.49
CA ASP A 89 10.49 -6.03 23.38
C ASP A 89 10.86 -5.29 22.09
N ILE A 90 10.01 -4.33 21.74
CA ILE A 90 10.15 -3.65 20.47
C ILE A 90 11.03 -2.38 20.48
N GLY A 91 10.44 -1.23 20.80
CA GLY A 91 11.12 0.07 20.70
C GLY A 91 10.21 1.22 21.10
N HIS A 92 10.28 1.58 22.39
CA HIS A 92 9.32 2.47 23.10
C HIS A 92 8.95 3.75 22.39
N LEU A 93 7.80 4.32 22.77
CA LEU A 93 7.29 5.55 22.15
C LEU A 93 6.52 6.46 23.11
N LEU A 113 25.08 -1.54 22.45
CA LEU A 113 24.48 -2.89 22.56
C LEU A 113 23.18 -3.13 21.71
N THR A 114 22.91 -4.42 21.44
CA THR A 114 21.69 -4.93 20.79
C THR A 114 20.41 -4.65 21.59
N VAL A 115 19.41 -4.07 20.92
CA VAL A 115 18.06 -3.94 21.49
C VAL A 115 17.54 -5.24 22.10
N TYR A 116 17.97 -6.38 21.56
CA TYR A 116 17.56 -7.67 22.13
C TYR A 116 18.29 -8.06 23.42
N GLU A 117 19.56 -7.66 23.56
CA GLU A 117 20.33 -7.93 24.76
C GLU A 117 19.70 -7.20 25.90
N ILE A 118 19.33 -5.94 25.66
CA ILE A 118 18.71 -5.05 26.64
C ILE A 118 17.38 -5.61 27.12
N SER A 119 16.47 -5.86 26.18
CA SER A 119 15.18 -6.39 26.53
C SER A 119 15.24 -7.81 27.09
N GLU A 120 16.25 -8.57 26.70
CA GLU A 120 16.51 -9.87 27.32
C GLU A 120 16.96 -9.74 28.75
N PHE A 121 17.78 -8.74 29.01
CA PHE A 121 18.25 -8.50 30.36
C PHE A 121 17.13 -8.04 31.27
N PHE A 122 16.27 -7.12 30.82
CA PHE A 122 15.17 -6.65 31.67
C PHE A 122 13.96 -7.60 31.64
N THR A 123 13.96 -8.55 30.70
CA THR A 123 13.00 -9.63 30.78
C THR A 123 13.32 -10.56 31.94
N GLU A 124 14.58 -11.04 32.05
CA GLU A 124 14.96 -11.93 33.16
C GLU A 124 14.76 -11.25 34.51
N ALA A 125 15.04 -9.97 34.58
CA ALA A 125 14.94 -9.27 35.87
C ALA A 125 13.50 -9.10 36.28
N PHE A 126 12.63 -8.81 35.32
CA PHE A 126 11.21 -8.73 35.62
C PHE A 126 10.76 -10.04 36.25
N PHE A 127 11.03 -11.15 35.60
CA PHE A 127 10.55 -12.45 36.09
C PHE A 127 11.27 -12.86 37.37
N ASN A 128 12.47 -12.31 37.57
CA ASN A 128 13.19 -12.47 38.83
C ASN A 128 12.50 -11.73 39.97
N ASP A 129 12.05 -10.50 39.69
CA ASP A 129 11.24 -9.72 40.64
C ASP A 129 9.92 -10.43 40.90
N CYS A 130 9.31 -10.93 39.85
CA CYS A 130 8.13 -11.79 40.00
C CYS A 130 8.30 -12.92 41.02
N ARG A 131 9.36 -13.72 40.88
CA ARG A 131 9.65 -14.83 41.83
C ARG A 131 9.83 -14.34 43.25
N LYS A 132 10.42 -13.15 43.38
CA LYS A 132 10.60 -12.56 44.69
C LYS A 132 9.28 -12.18 45.28
N LEU A 133 8.30 -11.82 44.44
CA LEU A 133 6.95 -11.45 44.92
C LEU A 133 5.91 -12.59 44.85
N ASN A 134 6.40 -13.81 44.61
CA ASN A 134 5.60 -15.01 44.46
C ASN A 134 4.50 -14.81 43.45
N ILE A 135 4.88 -14.27 42.31
CA ILE A 135 3.94 -14.17 41.21
C ILE A 135 4.10 -15.38 40.27
N VAL A 136 3.04 -16.19 40.18
CA VAL A 136 3.00 -17.36 39.31
C VAL A 136 3.52 -17.05 37.90
N TYR A 137 4.35 -17.94 37.41
CA TYR A 137 4.87 -17.75 36.13
C TYR A 137 3.78 -18.07 35.08
N PRO A 138 3.62 -17.21 34.05
CA PRO A 138 2.54 -17.51 33.06
C PRO A 138 2.71 -18.89 32.43
N ASP A 139 1.65 -19.38 31.79
CA ASP A 139 1.71 -20.70 31.17
C ASP A 139 2.34 -20.53 29.80
N LYS A 140 2.13 -19.37 29.23
CA LYS A 140 2.74 -18.96 28.01
C LYS A 140 3.11 -17.49 28.11
N VAL A 141 4.33 -17.23 27.68
CA VAL A 141 4.91 -15.90 27.51
C VAL A 141 5.05 -15.62 26.01
N LEU A 142 4.34 -14.63 25.54
CA LEU A 142 4.32 -14.31 24.12
C LEU A 142 5.22 -13.07 23.87
N VAL A 143 6.35 -13.29 23.21
CA VAL A 143 7.37 -12.23 23.00
C VAL A 143 7.15 -11.51 21.66
N ALA A 144 6.82 -10.23 21.71
CA ALA A 144 6.41 -9.53 20.50
C ALA A 144 7.30 -9.80 19.27
N SER A 145 8.63 -9.81 19.44
CA SER A 145 9.52 -9.95 18.29
C SER A 145 9.48 -11.35 17.67
N LYS A 146 8.80 -12.27 18.36
CA LYS A 146 8.74 -13.64 17.88
C LYS A 146 7.41 -13.91 17.24
N HIS A 147 6.57 -12.90 17.13
CA HIS A 147 5.25 -13.12 16.54
C HIS A 147 4.89 -12.08 15.51
N ILE A 148 5.82 -11.73 14.63
CA ILE A 148 5.51 -10.77 13.56
C ILE A 148 4.59 -11.35 12.45
N PRO A 149 4.76 -12.64 12.07
CA PRO A 149 3.84 -13.18 11.04
C PRO A 149 2.35 -12.97 11.36
N ILE A 150 1.86 -13.41 12.51
CA ILE A 150 0.45 -13.25 12.81
C ILE A 150 0.05 -11.78 12.73
N MET A 151 0.92 -10.89 13.19
CA MET A 151 0.59 -9.47 13.22
C MET A 151 0.37 -8.95 11.80
N ILE A 152 1.24 -9.40 10.88
CA ILE A 152 1.15 -9.01 9.48
C ILE A 152 -0.10 -9.63 8.86
N GLU A 153 -0.39 -10.86 9.24
CA GLU A 153 -1.53 -11.57 8.69
C GLU A 153 -2.86 -10.96 9.17
N VAL A 154 -2.90 -10.44 10.40
CA VAL A 154 -4.05 -9.66 10.89
C VAL A 154 -4.21 -8.31 10.13
N VAL A 155 -3.11 -7.60 9.83
CA VAL A 155 -3.24 -6.37 9.04
C VAL A 155 -3.77 -6.69 7.62
N LYS A 156 -3.13 -7.62 6.91
CA LYS A 156 -3.62 -8.09 5.60
C LYS A 156 -5.14 -8.28 5.56
N ILE A 157 -5.67 -9.04 6.51
CA ILE A 157 -7.12 -9.25 6.66
C ILE A 157 -7.92 -7.97 6.85
N LEU A 158 -7.46 -7.10 7.74
CA LEU A 158 -8.15 -5.84 8.01
C LEU A 158 -8.14 -4.96 6.75
N GLU A 159 -7.05 -5.00 5.99
CA GLU A 159 -6.97 -4.23 4.74
C GLU A 159 -7.97 -4.73 3.68
N GLU A 160 -8.12 -6.04 3.60
CA GLU A 160 -9.01 -6.68 2.64
C GLU A 160 -10.48 -6.44 3.01
N LYS A 161 -10.73 -6.17 4.29
CA LYS A 161 -12.04 -5.67 4.73
C LYS A 161 -12.15 -4.15 4.63
N LYS A 162 -11.21 -3.48 3.96
CA LYS A 162 -11.28 -2.02 3.67
C LYS A 162 -11.29 -1.12 4.89
N ILE A 163 -10.70 -1.59 5.98
CA ILE A 163 -10.80 -0.91 7.26
C ILE A 163 -9.56 -0.05 7.46
N THR A 164 -8.51 -0.33 6.70
CA THR A 164 -7.26 0.33 6.97
C THR A 164 -6.93 1.40 5.97
N TYR A 165 -5.85 2.11 6.23
CA TYR A 165 -5.32 3.12 5.34
C TYR A 165 -3.94 3.52 5.78
N PHE A 166 -3.21 4.09 4.84
CA PHE A 166 -1.82 4.42 4.98
C PHE A 166 -1.65 5.93 4.89
N SER A 167 -0.99 6.49 5.90
CA SER A 167 -0.81 7.91 6.00
C SER A 167 0.48 8.18 6.73
N ASN A 168 1.23 9.14 6.18
CA ASN A 168 2.41 9.68 6.83
C ASN A 168 3.43 8.59 7.19
N GLY A 169 3.45 7.52 6.42
CA GLY A 169 4.37 6.41 6.68
C GLY A 169 3.84 5.28 7.54
N ASN A 170 2.58 5.36 7.95
CA ASN A 170 2.02 4.36 8.84
C ASN A 170 0.75 3.71 8.29
N VAL A 171 0.51 2.44 8.64
CA VAL A 171 -0.80 1.82 8.36
C VAL A 171 -1.71 2.07 9.55
N TYR A 172 -2.82 2.76 9.32
CA TYR A 172 -3.76 3.11 10.38
C TYR A 172 -4.96 2.20 10.34
N PHE A 173 -5.61 2.02 11.48
CA PHE A 173 -6.91 1.37 11.53
C PHE A 173 -7.92 2.50 11.51
N ASP A 174 -8.89 2.43 10.61
CA ASP A 174 -9.95 3.46 10.50
C ASP A 174 -11.16 3.17 11.41
N THR A 175 -11.24 3.90 12.53
CA THR A 175 -12.19 3.56 13.60
C THR A 175 -13.64 3.89 13.25
N SER A 176 -13.83 4.66 12.19
CA SER A 176 -15.19 5.00 11.77
C SER A 176 -15.78 3.87 10.94
N CYS A 177 -14.91 2.97 10.46
CA CYS A 177 -15.37 1.74 9.79
C CYS A 177 -15.90 0.74 10.79
N PHE A 178 -16.28 1.23 11.98
CA PHE A 178 -16.53 0.39 13.14
C PHE A 178 -17.38 1.13 14.16
N LYS A 179 -18.70 1.09 13.99
CA LYS A 179 -19.62 1.87 14.83
C LYS A 179 -19.46 1.68 16.35
N SER A 180 -19.13 0.45 16.78
CA SER A 180 -19.04 0.09 18.21
C SER A 180 -17.86 0.71 18.97
N TYR A 181 -16.78 1.01 18.26
CA TYR A 181 -15.53 1.49 18.85
C TYR A 181 -15.68 2.17 20.19
N GLY A 182 -14.91 1.67 21.15
CA GLY A 182 -14.68 2.34 22.43
C GLY A 182 -15.82 2.41 23.43
N GLU A 183 -16.94 1.75 23.14
CA GLU A 183 -18.09 1.70 24.04
C GLU A 183 -17.69 1.27 25.45
N MET A 184 -16.57 0.55 25.56
CA MET A 184 -16.04 0.12 26.86
C MET A 184 -15.41 1.28 27.62
N ALA A 185 -14.98 2.29 26.88
CA ALA A 185 -14.34 3.47 27.47
C ALA A 185 -15.32 4.63 27.73
N GLY A 186 -16.35 4.76 26.89
CA GLY A 186 -17.30 5.88 26.99
C GLY A 186 -17.88 6.27 25.64
N PHE A 204 -3.05 14.32 10.17
CA PHE A 204 -2.68 13.21 9.30
C PHE A 204 -3.59 11.96 9.45
N LYS A 205 -4.38 11.89 10.54
CA LYS A 205 -5.41 10.85 10.69
C LYS A 205 -6.76 11.30 10.09
N ARG A 206 -7.63 10.37 9.70
CA ARG A 206 -9.04 10.69 9.38
C ARG A 206 -9.91 10.99 10.62
N ASN A 207 -9.61 10.33 11.73
CA ASN A 207 -10.38 10.53 12.95
C ASN A 207 -9.44 10.65 14.16
N LYS A 208 -9.78 11.53 15.10
CA LYS A 208 -8.96 11.70 16.32
C LYS A 208 -8.48 10.34 16.86
N THR A 209 -9.41 9.39 16.98
CA THR A 209 -9.17 8.12 17.68
C THR A 209 -8.68 6.95 16.81
N ASP A 210 -8.37 7.23 15.55
CA ASP A 210 -7.68 6.28 14.70
C ASP A 210 -6.37 5.91 15.37
N PHE A 211 -5.85 4.73 15.05
CA PHE A 211 -4.64 4.25 15.71
C PHE A 211 -3.72 3.58 14.70
N VAL A 212 -2.43 3.68 14.93
CA VAL A 212 -1.47 2.96 14.09
C VAL A 212 -1.54 1.45 14.36
N LEU A 213 -1.34 0.69 13.30
CA LEU A 213 -1.16 -0.76 13.28
C LEU A 213 0.30 -1.06 12.99
N TRP A 214 0.85 -0.40 11.97
CA TRP A 214 2.18 -0.73 11.49
C TRP A 214 2.95 0.50 11.18
N PHE A 215 4.16 0.61 11.72
CA PHE A 215 4.97 1.80 11.50
C PHE A 215 6.00 1.52 10.42
N THR A 216 6.06 2.39 9.41
CA THR A 216 7.15 2.28 8.43
C THR A 216 8.07 3.50 8.44
N ASN A 217 9.26 3.33 7.86
CA ASN A 217 10.23 4.42 7.74
C ASN A 217 11.25 4.13 6.65
N SER A 218 11.90 5.19 6.18
CA SER A 218 12.85 5.12 5.07
C SER A 218 14.21 4.47 5.42
N LYS A 219 14.63 4.57 6.68
CA LYS A 219 15.94 4.01 7.11
C LYS A 219 15.84 3.50 8.54
N MET A 225 15.50 -2.57 15.03
CA MET A 225 14.46 -3.57 14.78
C MET A 225 13.41 -3.07 13.80
N LYS A 226 13.33 -3.83 12.70
CA LYS A 226 12.61 -3.51 11.49
C LYS A 226 12.20 -4.86 10.83
N TRP A 227 11.03 -4.89 10.18
CA TRP A 227 10.62 -6.06 9.41
C TRP A 227 10.02 -5.63 8.14
N ASP A 228 10.26 -6.41 7.10
CA ASP A 228 9.60 -6.27 5.80
C ASP A 228 8.11 -6.61 5.92
N SER A 229 7.30 -6.14 4.97
CA SER A 229 5.85 -6.31 5.07
C SER A 229 5.23 -5.98 3.73
N PRO A 230 3.91 -6.22 3.59
CA PRO A 230 3.21 -5.65 2.43
C PRO A 230 3.14 -4.10 2.41
N TRP A 231 3.51 -3.43 3.51
CA TRP A 231 3.50 -1.96 3.54
C TRP A 231 4.88 -1.39 3.68
N GLY A 232 5.86 -2.29 3.59
CA GLY A 232 7.25 -1.92 3.76
C GLY A 232 7.80 -2.22 5.14
N PHE A 233 9.13 -2.26 5.20
CA PHE A 233 9.88 -2.32 6.44
C PHE A 233 9.32 -1.42 7.53
N GLY A 234 9.14 -2.00 8.71
CA GLY A 234 8.59 -1.28 9.85
C GLY A 234 8.46 -2.15 11.07
N TYR A 235 7.56 -1.77 11.96
CA TYR A 235 7.29 -2.50 13.21
C TYR A 235 5.84 -2.29 13.62
N PRO A 236 5.27 -3.25 14.39
CA PRO A 236 3.85 -3.10 14.72
C PRO A 236 3.67 -2.12 15.86
N SER A 237 2.43 -1.66 16.06
CA SER A 237 2.09 -0.86 17.24
C SER A 237 1.84 -1.81 18.38
N TRP A 238 1.89 -1.32 19.62
CA TRP A 238 1.66 -2.23 20.73
C TRP A 238 0.29 -2.82 20.71
N HIS A 239 -0.66 -2.10 20.11
CA HIS A 239 -2.06 -2.56 20.11
C HIS A 239 -2.21 -3.78 19.27
N LEU A 240 -1.49 -3.82 18.15
CA LEU A 240 -1.57 -4.93 17.24
C LEU A 240 -0.82 -6.17 17.77
N GLU A 241 0.26 -5.96 18.53
CA GLU A 241 0.98 -7.05 19.18
C GLU A 241 0.08 -7.81 20.16
N CYS A 242 -0.48 -7.08 21.13
CA CYS A 242 -1.41 -7.74 22.04
C CYS A 242 -2.57 -8.46 21.37
N ALA A 243 -3.09 -7.89 20.27
CA ALA A 243 -4.31 -8.45 19.66
C ALA A 243 -3.98 -9.63 18.80
N ALA A 244 -2.97 -9.48 17.97
CA ALA A 244 -2.54 -10.54 17.09
C ALA A 244 -2.04 -11.75 17.89
N MET A 245 -1.12 -11.53 18.84
CA MET A 245 -0.64 -12.64 19.65
C MET A 245 -1.77 -13.38 20.36
N ASN A 246 -2.72 -12.71 20.98
CA ASN A 246 -3.88 -13.44 21.52
C ASN A 246 -4.48 -14.36 20.46
N LEU A 247 -4.79 -13.78 19.29
CA LEU A 247 -5.46 -14.52 18.21
C LEU A 247 -4.70 -15.74 17.72
N GLU A 248 -3.37 -15.65 17.71
CA GLU A 248 -2.57 -16.81 17.34
C GLU A 248 -2.61 -17.83 18.48
N TYR A 249 -2.30 -17.41 19.69
CA TYR A 249 -2.16 -18.38 20.77
C TYR A 249 -3.49 -18.96 21.27
N PHE A 250 -4.45 -18.12 21.60
CA PHE A 250 -5.78 -18.57 22.05
C PHE A 250 -6.80 -18.68 20.92
N LYS A 251 -6.45 -18.23 19.73
CA LYS A 251 -7.31 -18.33 18.54
C LYS A 251 -8.49 -17.34 18.64
N ASP A 252 -9.68 -17.78 18.32
CA ASP A 252 -10.85 -16.90 18.42
C ASP A 252 -11.44 -16.85 19.82
N ALA A 253 -10.69 -17.20 20.86
CA ALA A 253 -11.39 -17.56 22.09
C ALA A 253 -10.85 -17.11 23.46
N LEU A 254 -10.38 -15.87 23.57
CA LEU A 254 -10.03 -15.41 24.90
C LEU A 254 -11.24 -15.36 25.82
N ASP A 255 -11.03 -15.68 27.10
CA ASP A 255 -12.05 -15.54 28.18
C ASP A 255 -11.88 -14.33 29.13
N ILE A 256 -10.68 -14.06 29.64
CA ILE A 256 -10.47 -12.88 30.49
C ILE A 256 -9.17 -12.18 30.07
N HIS A 257 -9.23 -10.85 29.98
CA HIS A 257 -8.12 -10.04 29.52
C HIS A 257 -7.90 -9.01 30.59
N LEU A 258 -6.66 -8.92 31.07
CA LEU A 258 -6.30 -8.09 32.22
C LEU A 258 -5.44 -6.94 31.81
N GLY A 259 -5.32 -5.96 32.71
CA GLY A 259 -4.43 -4.82 32.52
C GLY A 259 -4.71 -3.83 33.63
N GLY A 260 -4.22 -2.61 33.45
CA GLY A 260 -4.41 -1.54 34.41
C GLY A 260 -5.48 -0.64 33.87
N VAL A 261 -6.06 0.17 34.75
CA VAL A 261 -7.16 1.02 34.32
C VAL A 261 -6.78 1.96 33.14
N ASP A 262 -5.51 2.35 33.06
CA ASP A 262 -5.06 3.24 31.99
C ASP A 262 -5.18 2.63 30.59
N HIS A 263 -5.31 1.29 30.51
CA HIS A 263 -5.62 0.61 29.24
C HIS A 263 -7.07 0.69 28.83
N ILE A 264 -7.94 1.15 29.71
CA ILE A 264 -9.36 1.22 29.34
C ILE A 264 -9.57 2.10 28.10
N GLY A 265 -9.12 3.33 28.19
CA GLY A 265 -9.46 4.34 27.18
C GLY A 265 -8.70 4.43 25.86
N VAL A 266 -7.59 3.69 25.72
CA VAL A 266 -6.85 3.63 24.43
C VAL A 266 -6.53 2.19 24.00
N HIS A 267 -5.61 1.54 24.72
CA HIS A 267 -5.03 0.21 24.37
C HIS A 267 -5.97 -0.99 24.28
N HIS A 268 -6.82 -1.18 25.28
CA HIS A 268 -7.74 -2.29 25.29
C HIS A 268 -8.84 -2.16 24.28
N ILE A 269 -9.45 -0.98 24.20
CA ILE A 269 -10.47 -0.79 23.16
C ILE A 269 -9.86 -0.95 21.77
N ASN A 270 -8.60 -0.55 21.61
CA ASN A 270 -7.88 -0.77 20.36
C ASN A 270 -7.67 -2.27 20.01
N GLU A 271 -7.33 -3.08 21.00
CA GLU A 271 -7.20 -4.50 20.78
C GLU A 271 -8.54 -5.08 20.28
N ILE A 272 -9.61 -4.74 21.00
CA ILE A 272 -10.96 -5.21 20.71
C ILE A 272 -11.32 -4.89 19.28
N ALA A 273 -11.08 -3.66 18.86
CA ALA A 273 -11.41 -3.23 17.51
C ALA A 273 -10.71 -4.17 16.53
N ILE A 274 -9.43 -4.43 16.77
CA ILE A 274 -8.62 -5.23 15.85
C ILE A 274 -9.24 -6.62 15.77
N ALA A 275 -9.35 -7.26 16.94
CA ALA A 275 -9.75 -8.64 17.04
C ALA A 275 -11.18 -8.91 16.57
N GLU A 276 -12.12 -8.02 16.89
CA GLU A 276 -13.49 -8.32 16.53
C GLU A 276 -13.74 -8.06 15.07
N CYS A 277 -12.99 -7.12 14.50
CA CYS A 277 -13.06 -6.91 13.04
C CYS A 277 -12.40 -8.04 12.26
N PHE A 278 -11.37 -8.66 12.86
CA PHE A 278 -10.62 -9.75 12.25
C PHE A 278 -11.50 -10.96 12.26
N LEU A 279 -11.96 -11.32 13.45
CA LEU A 279 -12.80 -12.46 13.68
C LEU A 279 -14.18 -12.33 13.00
N ASN A 280 -14.62 -11.10 12.83
CA ASN A 280 -15.99 -10.84 12.43
C ASN A 280 -17.01 -11.37 13.48
N LYS A 281 -16.67 -11.25 14.78
CA LYS A 281 -17.58 -11.63 15.88
C LYS A 281 -17.11 -11.13 17.26
N LYS A 282 -17.85 -11.50 18.28
CA LYS A 282 -17.50 -11.19 19.66
C LYS A 282 -16.16 -11.83 20.08
N TRP A 283 -15.30 -11.02 20.69
CA TRP A 283 -14.02 -11.47 21.20
C TRP A 283 -13.90 -11.11 22.65
N CYS A 284 -13.51 -12.08 23.48
CA CYS A 284 -13.19 -11.84 24.87
C CYS A 284 -14.27 -11.13 25.67
N ASP A 285 -15.13 -11.90 26.34
CA ASP A 285 -16.24 -11.33 27.11
C ASP A 285 -15.85 -10.51 28.31
N VAL A 286 -14.77 -10.87 28.97
CA VAL A 286 -14.46 -10.22 30.22
C VAL A 286 -13.12 -9.48 30.17
N PHE A 287 -13.13 -8.21 30.58
CA PHE A 287 -11.91 -7.45 30.74
C PHE A 287 -11.88 -6.96 32.16
N VAL A 288 -10.81 -7.29 32.88
CA VAL A 288 -10.71 -6.83 34.27
C VAL A 288 -9.49 -5.92 34.41
N HIS A 289 -9.68 -4.78 35.11
CA HIS A 289 -8.63 -3.77 35.32
C HIS A 289 -8.35 -3.49 36.76
N GLY A 290 -7.07 -3.41 37.09
CA GLY A 290 -6.64 -3.00 38.43
C GLY A 290 -6.37 -1.51 38.53
N GLU A 291 -6.72 -0.92 39.68
CA GLU A 291 -6.47 0.50 39.94
C GLU A 291 -5.01 0.83 40.20
N PHE A 292 -4.65 2.10 39.98
CA PHE A 292 -3.28 2.57 40.15
C PHE A 292 -2.73 2.47 41.58
N LEU A 293 -1.45 2.16 41.70
CA LEU A 293 -0.69 2.44 42.93
C LEU A 293 -0.16 3.88 42.87
N ILE A 294 -0.50 4.66 43.88
CA ILE A 294 -0.11 6.06 43.98
C ILE A 294 1.00 6.20 45.02
N MET A 295 2.09 6.92 44.66
CA MET A 295 3.14 7.32 45.63
C MET A 295 3.02 8.84 45.83
N ASP A 296 3.99 9.47 46.50
CA ASP A 296 3.97 10.94 46.72
C ASP A 296 3.81 11.70 45.40
N PHE A 307 8.81 6.89 41.29
CA PHE A 307 8.62 5.43 41.31
C PHE A 307 9.78 4.62 41.91
N ILE A 308 9.41 3.52 42.57
CA ILE A 308 10.29 2.62 43.36
C ILE A 308 10.44 1.25 42.69
N THR A 309 11.64 0.67 42.71
CA THR A 309 11.83 -0.74 42.28
C THR A 309 11.92 -1.61 43.51
N VAL A 310 11.93 -2.92 43.30
CA VAL A 310 12.06 -3.92 44.36
C VAL A 310 13.41 -3.81 45.05
N LYS A 311 14.47 -3.56 44.27
CA LYS A 311 15.79 -3.36 44.83
C LYS A 311 15.68 -2.23 45.84
N ASP A 312 15.17 -1.07 45.38
CA ASP A 312 15.00 0.07 46.27
C ASP A 312 14.41 -0.40 47.58
N LEU A 313 13.33 -1.18 47.49
CA LEU A 313 12.64 -1.73 48.66
C LEU A 313 13.46 -2.70 49.46
N GLU A 314 14.33 -3.46 48.82
CA GLU A 314 15.21 -4.34 49.57
C GLU A 314 16.30 -3.48 50.26
N ASP A 315 16.77 -2.46 49.54
CA ASP A 315 17.84 -1.57 49.97
C ASP A 315 17.46 -0.71 51.19
N GLN A 316 16.17 -0.42 51.33
CA GLN A 316 15.65 0.32 52.50
C GLN A 316 15.22 -0.66 53.60
N ASN A 317 15.69 -1.88 53.46
CA ASN A 317 15.51 -2.94 54.46
C ASN A 317 14.18 -3.62 54.52
N PHE A 318 13.34 -3.36 53.52
CA PHE A 318 12.08 -4.09 53.37
C PHE A 318 12.28 -5.44 52.69
N SER A 319 11.28 -6.30 52.85
CA SER A 319 11.28 -7.57 52.13
C SER A 319 10.18 -7.50 51.05
N PRO A 320 10.47 -8.06 49.87
CA PRO A 320 9.48 -8.04 48.79
C PRO A 320 8.08 -8.36 49.28
N LEU A 321 7.97 -9.40 50.10
CA LEU A 321 6.67 -9.90 50.54
C LEU A 321 5.95 -8.92 51.48
N ASP A 322 6.65 -7.86 51.85
CA ASP A 322 6.05 -6.82 52.61
C ASP A 322 5.20 -6.01 51.68
N PHE A 323 5.75 -5.75 50.50
CA PHE A 323 4.96 -5.10 49.51
C PHE A 323 3.80 -6.02 49.10
N ARG A 324 4.09 -7.31 48.92
CA ARG A 324 3.01 -8.27 48.69
C ARG A 324 1.88 -8.12 49.73
N TYR A 325 2.21 -8.25 51.02
CA TYR A 325 1.22 -8.09 52.09
C TYR A 325 0.41 -6.80 51.88
N LEU A 326 1.12 -5.70 51.68
CA LEU A 326 0.48 -4.41 51.41
C LEU A 326 -0.50 -4.51 50.23
N CYS A 327 -0.13 -5.25 49.20
CA CYS A 327 -1.02 -5.36 48.07
C CYS A 327 -2.24 -6.22 48.40
N LEU A 328 -2.09 -7.06 49.41
CA LEU A 328 -3.13 -7.98 49.78
C LEU A 328 -4.23 -7.29 50.58
N THR A 329 -3.89 -6.26 51.36
CA THR A 329 -4.85 -5.66 52.28
C THR A 329 -5.71 -4.62 51.57
N SER A 330 -5.65 -4.65 50.26
CA SER A 330 -6.40 -3.67 49.47
C SER A 330 -6.99 -4.24 48.16
N HIS A 331 -8.30 -4.16 48.04
CA HIS A 331 -8.99 -4.66 46.86
C HIS A 331 -8.38 -4.10 45.60
N TYR A 332 -8.41 -4.87 44.51
CA TYR A 332 -7.75 -4.43 43.26
C TYR A 332 -8.42 -3.23 42.58
N ARG A 333 -9.66 -2.96 42.94
CA ARG A 333 -10.35 -1.84 42.35
C ARG A 333 -10.27 -0.62 43.23
N ASN A 334 -9.44 -0.65 44.27
CA ASN A 334 -9.08 0.57 44.99
C ASN A 334 -7.70 1.06 44.61
N GLN A 335 -7.53 2.37 44.70
CA GLN A 335 -6.23 2.96 44.59
C GLN A 335 -5.49 2.58 45.86
N LEU A 336 -4.19 2.37 45.74
CA LEU A 336 -3.38 2.05 46.85
C LEU A 336 -2.51 3.24 47.11
N LYS A 337 -2.65 3.84 48.29
CA LYS A 337 -1.84 4.97 48.69
C LYS A 337 -0.63 4.33 49.31
N PHE A 338 0.47 4.38 48.59
CA PHE A 338 1.71 3.77 49.04
C PHE A 338 2.49 4.77 49.85
N SER A 339 3.19 4.27 50.86
CA SER A 339 4.13 5.10 51.61
C SER A 339 4.97 4.13 52.39
N LEU A 340 6.12 4.58 52.89
CA LEU A 340 6.96 3.82 53.78
C LEU A 340 6.20 3.45 55.07
N ASP A 341 5.33 4.34 55.50
CA ASP A 341 4.62 4.13 56.76
C ASP A 341 3.61 3.00 56.62
N ASN A 342 2.90 2.96 55.50
CA ASN A 342 1.99 1.86 55.24
C ASN A 342 2.72 0.57 54.87
N LEU A 343 3.90 0.69 54.29
CA LEU A 343 4.67 -0.50 53.99
C LEU A 343 5.22 -1.03 55.32
N GLN A 344 5.39 -0.12 56.28
CA GLN A 344 5.96 -0.55 57.53
C GLN A 344 4.96 -1.33 58.37
N ALA A 345 3.73 -0.82 58.40
CA ALA A 345 2.58 -1.49 59.02
C ALA A 345 2.42 -2.90 58.46
N SER A 346 2.57 -3.03 57.13
CA SER A 346 2.48 -4.35 56.41
C SER A 346 3.58 -5.31 56.80
N LYS A 347 4.80 -4.81 56.93
CA LYS A 347 5.95 -5.56 57.44
C LYS A 347 5.74 -6.12 58.87
N ILE A 348 5.27 -5.27 59.80
CA ILE A 348 4.92 -5.64 61.16
C ILE A 348 3.77 -6.64 61.25
N ALA A 349 2.70 -6.41 60.49
CA ALA A 349 1.55 -7.30 60.43
C ALA A 349 1.97 -8.63 59.87
N ARG A 350 2.80 -8.61 58.82
CA ARG A 350 3.32 -9.88 58.29
C ARG A 350 4.26 -10.57 59.32
N GLU A 351 5.04 -9.78 60.04
CA GLU A 351 5.92 -10.35 61.05
C GLU A 351 5.14 -10.97 62.19
N ASN A 352 4.07 -10.32 62.65
CA ASN A 352 3.28 -10.87 63.73
C ASN A 352 2.55 -12.18 63.31
N LEU A 353 2.08 -12.20 62.06
CA LEU A 353 1.42 -13.36 61.48
C LEU A 353 2.30 -14.61 61.59
N ILE A 354 3.54 -14.45 61.16
CA ILE A 354 4.53 -15.51 61.20
C ILE A 354 4.90 -15.91 62.64
N ASN A 355 5.09 -14.95 63.54
CA ASN A 355 5.38 -15.24 64.96
C ASN A 355 4.26 -15.99 65.66
N LYS A 356 3.02 -15.61 65.34
CA LYS A 356 1.86 -16.21 65.98
C LYS A 356 1.68 -17.67 65.48
N LEU A 357 1.89 -17.86 64.19
CA LEU A 357 1.81 -19.16 63.59
C LEU A 357 2.98 -20.05 64.06
N SER A 358 4.15 -19.44 64.25
CA SER A 358 5.30 -20.17 64.78
C SER A 358 5.05 -20.75 66.20
N TYR A 359 4.49 -19.95 67.09
CA TYR A 359 4.06 -20.41 68.42
C TYR A 359 3.07 -21.59 68.28
N PHE A 360 2.09 -21.43 67.40
CA PHE A 360 1.15 -22.52 67.17
C PHE A 360 1.90 -23.80 66.72
N TYR A 361 2.80 -23.63 65.76
CA TYR A 361 3.48 -24.77 65.18
C TYR A 361 4.49 -25.41 66.15
N GLU A 362 5.27 -24.59 66.83
CA GLU A 362 6.17 -25.10 67.87
C GLU A 362 5.46 -26.01 68.90
N SER A 363 4.20 -25.70 69.17
CA SER A 363 3.50 -26.36 70.25
C SER A 363 2.90 -27.72 69.89
N LEU A 364 3.01 -28.16 68.65
CA LEU A 364 2.36 -29.39 68.21
C LEU A 364 3.00 -30.73 68.65
N ASP A 365 2.15 -31.74 68.83
CA ASP A 365 2.61 -33.14 69.00
C ASP A 365 2.67 -33.91 67.66
N PRO A 366 3.26 -35.12 67.66
CA PRO A 366 3.41 -35.76 66.36
C PRO A 366 2.10 -35.96 65.57
N VAL A 367 1.03 -36.32 66.24
CA VAL A 367 -0.23 -36.60 65.54
C VAL A 367 -0.81 -35.33 64.89
N ASP A 368 -0.85 -34.23 65.65
CA ASP A 368 -1.24 -32.94 65.05
C ASP A 368 -0.30 -32.51 63.92
N LEU A 369 1.01 -32.69 64.11
CA LEU A 369 1.96 -32.25 63.08
C LEU A 369 1.86 -33.04 61.77
N ASN A 370 1.79 -34.37 61.86
CA ASN A 370 1.62 -35.20 60.66
C ASN A 370 0.40 -34.79 59.84
N THR A 371 -0.66 -34.38 60.54
CA THR A 371 -1.92 -33.90 59.95
C THR A 371 -1.83 -32.70 58.98
N LEU A 372 -0.83 -31.83 59.18
CA LEU A 372 -0.57 -30.71 58.29
C LEU A 372 0.35 -31.06 57.14
N ASN A 373 1.02 -32.20 57.22
CA ASN A 373 1.82 -32.68 56.10
C ASN A 373 0.86 -33.20 55.03
N LYS A 374 -0.20 -33.84 55.51
CA LYS A 374 -1.23 -34.53 54.72
C LYS A 374 -2.18 -33.60 53.93
N ASP A 375 -3.32 -34.18 53.52
CA ASP A 375 -4.38 -33.54 52.71
C ASP A 375 -5.10 -32.40 53.48
N LEU A 376 -4.70 -31.16 53.23
CA LEU A 376 -5.09 -30.02 54.06
C LEU A 376 -6.59 -29.78 54.14
N LYS A 377 -7.25 -29.98 53.00
CA LYS A 377 -8.66 -29.68 52.87
C LYS A 377 -9.51 -30.91 53.25
N ASN A 378 -8.88 -31.94 53.78
CA ASN A 378 -9.59 -33.01 54.47
C ASN A 378 -9.79 -32.56 55.91
N PHE A 379 -10.91 -31.91 56.18
CA PHE A 379 -11.18 -31.27 57.48
C PHE A 379 -11.56 -32.24 58.60
N GLY A 380 -11.03 -31.99 59.79
CA GLY A 380 -11.32 -32.85 60.93
C GLY A 380 -12.51 -32.31 61.73
N PHE A 381 -12.84 -31.04 61.52
CA PHE A 381 -13.90 -30.39 62.29
C PHE A 381 -14.73 -29.52 61.40
N SER A 382 -16.05 -29.59 61.62
CA SER A 382 -17.02 -28.76 60.90
C SER A 382 -16.65 -27.28 60.91
N VAL A 383 -16.01 -26.86 61.99
CA VAL A 383 -15.71 -25.47 62.24
C VAL A 383 -14.62 -24.96 61.31
N GLU A 384 -13.70 -25.85 60.93
CA GLU A 384 -12.74 -25.58 59.86
C GLU A 384 -13.44 -25.35 58.51
N LYS A 385 -14.25 -26.31 58.07
CA LYS A 385 -15.09 -26.19 56.85
C LYS A 385 -15.92 -24.88 56.76
N GLU A 386 -16.60 -24.55 57.85
CA GLU A 386 -17.23 -23.23 58.05
C GLU A 386 -16.33 -22.06 57.67
N TYR A 387 -15.14 -22.01 58.25
CA TYR A 387 -14.20 -20.93 57.94
C TYR A 387 -13.65 -21.04 56.52
N TYR A 388 -13.44 -22.27 56.04
CA TYR A 388 -13.02 -22.45 54.66
C TYR A 388 -14.07 -21.86 53.67
N ASP A 389 -15.35 -22.18 53.90
CA ASP A 389 -16.45 -21.75 53.04
C ASP A 389 -16.65 -20.25 53.09
N SER A 390 -16.44 -19.69 54.28
CA SER A 390 -16.54 -18.26 54.51
C SER A 390 -15.44 -17.57 53.72
N PHE A 391 -14.28 -18.23 53.62
CA PHE A 391 -13.14 -17.81 52.79
C PHE A 391 -13.46 -17.82 51.29
N VAL A 392 -13.93 -18.97 50.82
CA VAL A 392 -14.30 -19.15 49.43
C VAL A 392 -15.31 -18.08 49.01
N GLU A 393 -16.22 -17.77 49.91
CA GLU A 393 -17.32 -16.88 49.63
C GLU A 393 -16.74 -15.53 49.33
N LYS A 394 -15.70 -15.20 50.10
CA LYS A 394 -15.04 -13.89 50.05
C LYS A 394 -14.24 -13.66 48.77
N ILE A 395 -13.36 -14.61 48.45
CA ILE A 395 -12.55 -14.50 47.25
C ILE A 395 -13.37 -14.68 45.96
N SER A 396 -14.47 -15.42 46.07
CA SER A 396 -15.25 -15.73 44.89
C SER A 396 -16.12 -14.56 44.55
N PHE A 397 -16.44 -13.72 45.55
CA PHE A 397 -16.99 -12.42 45.21
C PHE A 397 -15.93 -11.35 44.94
N ASP A 398 -15.49 -11.34 43.68
CA ASP A 398 -14.73 -10.24 43.09
C ASP A 398 -13.31 -10.07 43.65
N LEU A 399 -12.66 -11.21 43.87
CA LEU A 399 -11.27 -11.19 44.30
C LEU A 399 -11.11 -10.38 45.56
N ASN A 400 -12.04 -10.54 46.50
CA ASN A 400 -11.85 -9.94 47.77
C ASN A 400 -10.93 -10.70 48.73
N VAL A 401 -9.64 -10.65 48.41
CA VAL A 401 -8.62 -11.31 49.20
C VAL A 401 -8.35 -10.58 50.51
N ALA A 402 -8.60 -9.27 50.52
CA ALA A 402 -8.38 -8.44 51.67
C ALA A 402 -9.28 -8.89 52.82
N GLN A 403 -10.51 -9.27 52.48
CA GLN A 403 -11.44 -9.85 53.47
C GLN A 403 -11.07 -11.26 53.86
N GLY A 404 -10.34 -11.93 52.97
CA GLY A 404 -9.75 -13.22 53.25
C GLY A 404 -8.71 -13.08 54.33
N LEU A 405 -7.73 -12.23 54.10
CA LEU A 405 -6.76 -11.89 55.12
C LEU A 405 -7.42 -11.52 56.45
N ALA A 406 -8.41 -10.61 56.40
CA ALA A 406 -9.13 -10.20 57.61
C ALA A 406 -9.63 -11.43 58.36
N LEU A 407 -10.07 -12.41 57.56
CA LEU A 407 -10.68 -13.61 58.12
C LEU A 407 -9.61 -14.48 58.78
N LEU A 408 -8.43 -14.56 58.17
CA LEU A 408 -7.36 -15.32 58.75
C LEU A 408 -6.98 -14.77 60.14
N TRP A 409 -6.98 -13.46 60.27
CA TRP A 409 -6.68 -12.85 61.55
C TRP A 409 -7.77 -13.11 62.57
N GLU A 410 -9.02 -13.12 62.15
CA GLU A 410 -10.12 -13.56 63.01
C GLU A 410 -9.85 -15.03 63.48
N ILE A 411 -9.47 -15.87 62.54
CA ILE A 411 -9.12 -17.24 62.84
C ILE A 411 -7.95 -17.36 63.84
N ILE A 412 -6.83 -16.68 63.57
CA ILE A 412 -5.66 -16.75 64.43
C ILE A 412 -6.03 -16.45 65.89
N LYS A 413 -6.79 -15.36 66.11
CA LYS A 413 -7.12 -14.83 67.43
C LYS A 413 -8.26 -15.54 68.08
N SER A 414 -8.91 -16.45 67.35
CA SER A 414 -10.14 -17.15 67.78
C SER A 414 -9.94 -18.17 68.92
N ASP A 415 -10.96 -18.34 69.76
CA ASP A 415 -10.92 -19.32 70.88
C ASP A 415 -11.90 -20.47 70.69
N ASN A 416 -12.32 -20.68 69.44
CA ASN A 416 -13.16 -21.80 69.11
C ASN A 416 -12.44 -22.72 68.10
N LEU A 417 -11.11 -22.61 68.09
CA LEU A 417 -10.21 -23.35 67.18
C LEU A 417 -8.98 -23.78 67.92
N SER A 418 -8.51 -24.98 67.64
CA SER A 418 -7.27 -25.41 68.22
C SER A 418 -6.09 -24.85 67.41
N PHE A 419 -4.90 -24.95 67.99
CA PHE A 419 -3.69 -24.55 67.28
C PHE A 419 -3.59 -25.27 65.93
N VAL A 420 -3.74 -26.59 65.90
CA VAL A 420 -3.68 -27.33 64.64
C VAL A 420 -4.69 -26.85 63.58
N SER A 421 -5.93 -26.58 63.98
CA SER A 421 -6.90 -26.00 63.06
C SER A 421 -6.48 -24.64 62.49
N LYS A 422 -5.81 -23.83 63.29
CA LYS A 422 -5.47 -22.51 62.82
C LYS A 422 -4.41 -22.58 61.75
N LEU A 423 -3.53 -23.57 61.89
CA LEU A 423 -2.42 -23.71 60.94
C LEU A 423 -2.90 -24.22 59.58
N ARG A 424 -3.86 -25.17 59.64
CA ARG A 424 -4.51 -25.77 58.48
C ARG A 424 -5.11 -24.65 57.65
N LEU A 425 -5.94 -23.84 58.29
CA LEU A 425 -6.53 -22.71 57.57
C LEU A 425 -5.42 -21.76 57.05
N ALA A 426 -4.40 -21.49 57.86
CA ALA A 426 -3.30 -20.64 57.42
C ALA A 426 -2.73 -21.21 56.14
N PHE A 427 -2.32 -22.46 56.19
CA PHE A 427 -1.71 -23.10 55.02
C PHE A 427 -2.62 -23.17 53.80
N ILE A 428 -3.92 -23.40 54.00
CA ILE A 428 -4.89 -23.31 52.88
C ILE A 428 -5.02 -21.85 52.33
N PHE A 429 -5.24 -20.87 53.20
CA PHE A 429 -5.38 -19.48 52.71
C PHE A 429 -4.13 -19.00 51.98
N ASP A 430 -2.97 -19.51 52.39
CA ASP A 430 -1.70 -19.16 51.79
C ASP A 430 -1.55 -19.60 50.32
N GLU A 431 -2.36 -20.56 49.89
CA GLU A 431 -2.38 -20.92 48.48
C GLU A 431 -2.78 -19.71 47.63
N ILE A 432 -3.48 -18.75 48.25
CA ILE A 432 -3.84 -17.50 47.62
C ILE A 432 -2.87 -16.41 48.08
N MET A 433 -2.74 -16.25 49.38
CA MET A 433 -1.93 -15.18 49.98
C MET A 433 -0.46 -15.23 49.53
N SER A 434 0.09 -16.45 49.43
CA SER A 434 1.47 -16.72 48.99
C SER A 434 2.49 -15.92 49.78
N LEU A 435 2.47 -16.11 51.10
CA LEU A 435 3.45 -15.44 51.93
C LEU A 435 4.60 -16.35 52.41
N ASN A 436 4.63 -17.59 51.92
CA ASN A 436 5.67 -18.54 52.33
C ASN A 436 5.56 -18.88 53.80
N LEU A 437 4.33 -19.01 54.30
CA LEU A 437 4.14 -19.16 55.74
C LEU A 437 4.83 -20.40 56.31
N ARG A 438 4.58 -21.55 55.67
CA ARG A 438 5.20 -22.84 55.99
C ARG A 438 6.69 -22.71 56.21
N GLU A 439 7.37 -22.17 55.20
CA GLU A 439 8.81 -22.03 55.21
C GLU A 439 9.29 -20.83 56.07
N GLU A 440 8.43 -19.84 56.26
CA GLU A 440 8.74 -18.77 57.21
C GLU A 440 8.60 -19.25 58.65
N ILE A 441 7.66 -20.15 58.90
CA ILE A 441 7.61 -20.76 60.24
C ILE A 441 8.86 -21.61 60.54
N LEU A 442 9.31 -22.41 59.60
CA LEU A 442 10.54 -23.17 59.84
C LEU A 442 11.77 -22.27 60.10
N LYS A 443 11.88 -21.15 59.39
CA LYS A 443 13.04 -20.22 59.55
C LYS A 443 12.99 -19.51 60.91
N ASN A 444 11.85 -18.96 61.27
CA ASN A 444 11.59 -18.39 62.59
C ASN A 444 11.93 -19.31 63.79
N LEU A 445 11.64 -20.60 63.66
CA LEU A 445 11.83 -21.56 64.76
C LEU A 445 13.27 -21.98 64.84
N GLN A 446 13.93 -22.06 63.69
CA GLN A 446 15.36 -22.40 63.64
C GLN A 446 16.20 -21.36 64.32
N ASN A 447 15.60 -20.27 64.77
CA ASN A 447 16.32 -19.20 65.44
C ASN A 447 16.05 -19.03 66.92
N HIS A 448 15.02 -19.71 67.44
CA HIS A 448 14.84 -19.80 68.88
C HIS A 448 15.90 -20.68 69.44
N ASP A 449 15.91 -20.82 70.76
CA ASP A 449 16.91 -21.62 71.44
C ASP A 449 16.41 -23.04 71.77
N VAL A 450 17.34 -23.96 71.96
CA VAL A 450 16.98 -25.33 72.30
C VAL A 450 16.55 -25.38 73.76
N VAL A 451 15.30 -25.78 74.01
CA VAL A 451 14.93 -26.19 75.35
C VAL A 451 14.28 -27.59 75.35
N ILE A 452 15.05 -28.56 75.86
CA ILE A 452 14.62 -29.92 75.97
C ILE A 452 13.74 -30.05 77.21
N ASP A 453 12.43 -29.95 77.01
CA ASP A 453 11.44 -30.29 78.05
C ASP A 453 11.14 -31.81 78.03
N GLU A 454 10.38 -32.28 79.03
CA GLU A 454 10.11 -33.72 79.19
C GLU A 454 9.58 -34.40 77.92
N ASN A 455 8.53 -33.82 77.32
CA ASN A 455 7.91 -34.39 76.12
C ASN A 455 8.87 -34.63 74.97
N MET A 456 10.00 -33.92 75.01
CA MET A 456 11.11 -34.11 74.07
C MET A 456 12.12 -35.14 74.56
N LYS A 457 12.40 -35.13 75.86
CA LYS A 457 13.31 -36.11 76.46
C LYS A 457 12.84 -37.55 76.24
N ALA A 458 11.54 -37.70 75.98
CA ALA A 458 10.82 -38.99 75.94
C ALA A 458 10.70 -39.56 74.53
N LEU A 459 10.54 -38.65 73.55
CA LEU A 459 10.59 -39.00 72.13
C LEU A 459 11.98 -39.52 71.77
N ILE A 460 13.01 -38.95 72.41
CA ILE A 460 14.40 -39.41 72.27
C ILE A 460 14.65 -40.83 72.84
N GLU A 461 14.06 -41.15 73.98
CA GLU A 461 14.06 -42.51 74.51
C GLU A 461 13.31 -43.41 73.55
N GLU A 462 12.05 -43.09 73.27
CA GLU A 462 11.25 -43.78 72.26
C GLU A 462 12.10 -44.08 71.03
N ARG A 463 12.85 -43.06 70.58
CA ARG A 463 13.82 -43.20 69.48
C ARG A 463 15.04 -44.09 69.79
N ARG A 464 15.72 -43.84 70.91
CA ARG A 464 16.91 -44.66 71.30
C ARG A 464 16.54 -46.12 71.46
N ILE A 465 15.33 -46.37 71.96
CA ILE A 465 14.78 -47.72 72.01
C ILE A 465 14.53 -48.27 70.60
N ALA A 466 13.82 -47.50 69.77
CA ALA A 466 13.45 -47.93 68.42
C ALA A 466 14.69 -48.21 67.55
N LYS A 467 15.75 -47.43 67.75
CA LYS A 467 17.00 -47.66 67.04
C LYS A 467 17.76 -48.89 67.57
N CYS A 468 17.41 -49.34 68.79
CA CYS A 468 17.97 -50.59 69.37
C CYS A 468 17.20 -51.85 68.99
N GLU A 469 15.86 -51.76 68.99
CA GLU A 469 14.98 -52.82 68.45
C GLU A 469 15.12 -52.95 66.93
N LYS A 470 15.89 -52.03 66.32
CA LYS A 470 16.15 -52.02 64.88
C LYS A 470 14.87 -51.78 64.05
N ASN A 471 14.03 -50.89 64.58
CA ASN A 471 12.81 -50.41 63.95
C ASN A 471 13.13 -49.00 63.45
N PHE A 472 13.93 -48.95 62.38
CA PHE A 472 14.45 -47.69 61.87
C PHE A 472 13.40 -46.74 61.29
N LYS A 473 12.26 -47.28 60.92
CA LYS A 473 11.07 -46.54 60.49
C LYS A 473 10.52 -45.60 61.58
N ARG A 474 10.32 -46.16 62.77
CA ARG A 474 9.88 -45.38 63.90
C ARG A 474 10.95 -44.35 64.26
N ALA A 475 12.19 -44.78 64.24
CA ALA A 475 13.35 -43.91 64.52
C ALA A 475 13.40 -42.71 63.58
N ASP A 476 13.18 -42.98 62.29
CA ASP A 476 13.21 -41.94 61.29
C ASP A 476 11.99 -41.00 61.37
N GLU A 477 10.85 -41.56 61.78
CA GLU A 477 9.64 -40.76 62.01
C GLU A 477 9.86 -39.76 63.15
N ILE A 478 10.49 -40.20 64.23
CA ILE A 478 10.85 -39.29 65.33
C ILE A 478 11.80 -38.21 64.80
N ARG A 479 12.93 -38.63 64.23
CA ARG A 479 13.89 -37.73 63.57
C ARG A 479 13.19 -36.69 62.70
N ASP A 480 12.24 -37.14 61.89
CA ASP A 480 11.56 -36.27 60.94
C ASP A 480 10.50 -35.38 61.61
N PHE A 481 10.15 -35.69 62.86
CA PHE A 481 9.35 -34.76 63.66
C PHE A 481 10.19 -33.59 64.20
N PHE A 482 11.38 -33.87 64.69
CA PHE A 482 12.25 -32.83 65.21
C PHE A 482 12.71 -31.88 64.08
N ALA A 483 13.04 -32.46 62.94
CA ALA A 483 13.48 -31.67 61.79
C ALA A 483 12.42 -30.67 61.35
N LYS A 484 11.15 -31.05 61.41
CA LYS A 484 10.07 -30.17 60.99
C LYS A 484 9.84 -29.05 62.04
N LYS A 485 10.35 -29.24 63.25
CA LYS A 485 10.41 -28.15 64.21
C LYS A 485 11.77 -27.43 64.20
N GLY A 486 12.63 -27.75 63.24
CA GLY A 486 13.94 -27.13 63.14
C GLY A 486 15.06 -27.71 64.00
N PHE A 487 14.86 -28.91 64.56
CA PHE A 487 15.88 -29.57 65.37
C PHE A 487 16.53 -30.65 64.55
N VAL A 488 17.84 -30.80 64.76
CA VAL A 488 18.62 -31.87 64.17
C VAL A 488 19.07 -32.75 65.34
N LEU A 489 19.24 -34.04 65.11
CA LEU A 489 19.63 -34.93 66.18
C LEU A 489 20.96 -35.54 65.89
N VAL A 490 21.92 -35.34 66.80
CA VAL A 490 23.26 -35.90 66.67
C VAL A 490 23.73 -36.64 67.94
N SER B 21 7.14 -6.32 -53.49
CA SER B 21 6.25 -5.32 -52.85
C SER B 21 7.07 -4.22 -52.16
N MET B 22 6.41 -3.10 -51.86
CA MET B 22 7.01 -1.96 -51.15
C MET B 22 7.02 -2.18 -49.62
N ILE B 23 8.16 -2.65 -49.11
CA ILE B 23 8.39 -2.86 -47.67
C ILE B 23 9.05 -1.64 -47.03
N LEU B 24 8.46 -1.10 -45.97
CA LEU B 24 9.07 -0.03 -45.19
C LEU B 24 10.10 -0.58 -44.19
N LYS B 25 11.27 0.05 -44.13
CA LYS B 25 12.30 -0.23 -43.15
C LYS B 25 12.24 0.94 -42.21
N LEU B 26 12.19 0.66 -40.89
CA LEU B 26 12.15 1.70 -39.87
C LEU B 26 13.29 1.55 -38.90
N TYR B 27 13.93 2.65 -38.56
CA TYR B 27 14.97 2.57 -37.56
C TYR B 27 14.38 2.32 -36.17
N ASN B 28 14.77 1.22 -35.54
CA ASN B 28 14.15 0.71 -34.30
C ASN B 28 15.05 0.85 -33.08
N THR B 29 14.70 1.75 -32.18
CA THR B 29 15.43 1.99 -30.93
C THR B 29 15.75 0.67 -30.17
N ARG B 30 14.88 -0.32 -30.32
CA ARG B 30 15.01 -1.57 -29.53
C ARG B 30 16.14 -2.49 -30.03
N THR B 31 16.67 -2.17 -31.21
CA THR B 31 17.73 -2.93 -31.89
C THR B 31 18.88 -1.99 -32.34
N LYS B 32 18.65 -0.69 -32.35
CA LYS B 32 19.62 0.25 -32.93
C LYS B 32 20.03 -0.22 -34.34
N ASP B 33 19.01 -0.51 -35.15
CA ASP B 33 19.19 -0.85 -36.57
C ASP B 33 17.83 -0.76 -37.28
N PHE B 34 17.78 -1.05 -38.57
CA PHE B 34 16.52 -0.93 -39.35
C PHE B 34 15.72 -2.23 -39.34
N SER B 35 14.49 -2.20 -38.81
CA SER B 35 13.57 -3.34 -38.94
C SER B 35 12.73 -3.25 -40.19
N GLU B 36 12.54 -4.41 -40.81
CA GLU B 36 11.83 -4.53 -42.06
C GLU B 36 10.41 -4.96 -41.81
N LEU B 37 9.47 -4.04 -41.95
CA LEU B 37 8.09 -4.33 -41.63
C LEU B 37 7.46 -5.17 -42.72
N THR B 38 7.29 -6.46 -42.46
CA THR B 38 6.89 -7.39 -43.51
C THR B 38 5.48 -7.97 -43.40
N ASN B 39 4.75 -7.58 -42.39
CA ASN B 39 3.35 -7.94 -42.29
C ASN B 39 2.45 -6.81 -42.81
N PHE B 40 1.77 -7.06 -43.93
CA PHE B 40 0.95 -6.04 -44.59
C PHE B 40 -0.49 -6.14 -44.17
N GLU B 41 -0.88 -7.33 -43.70
CA GLU B 41 -2.29 -7.67 -43.52
C GLU B 41 -2.90 -6.89 -42.37
N ASN B 42 -2.11 -6.65 -41.32
CA ASN B 42 -2.56 -5.95 -40.13
C ASN B 42 -1.44 -5.47 -39.20
N VAL B 43 -1.13 -4.17 -39.24
CA VAL B 43 -0.05 -3.60 -38.41
C VAL B 43 -0.66 -2.79 -37.29
N LYS B 44 -0.29 -3.10 -36.06
CA LYS B 44 -0.82 -2.42 -34.90
C LYS B 44 0.17 -1.36 -34.41
N VAL B 45 -0.29 -0.11 -34.30
CA VAL B 45 0.59 1.00 -33.90
C VAL B 45 0.05 1.75 -32.68
N TYR B 46 0.94 2.16 -31.80
CA TYR B 46 0.56 2.95 -30.62
C TYR B 46 1.52 4.10 -30.46
N ALA B 47 0.99 5.29 -30.21
CA ALA B 47 1.84 6.42 -29.87
C ALA B 47 1.31 6.98 -28.57
N CYS B 48 2.22 7.43 -27.71
CA CYS B 48 1.81 8.11 -26.47
C CYS B 48 1.14 9.46 -26.80
N GLY B 49 0.09 9.80 -26.07
CA GLY B 49 -0.69 10.99 -26.40
C GLY B 49 -0.33 12.16 -25.50
N PRO B 50 -0.92 13.33 -25.74
CA PRO B 50 -0.59 14.49 -24.93
C PRO B 50 -1.17 14.45 -23.52
N THR B 51 -0.58 15.24 -22.61
CA THR B 51 -1.24 15.59 -21.34
C THR B 51 -2.30 16.62 -21.68
N VAL B 52 -3.41 16.66 -20.97
CA VAL B 52 -4.54 17.50 -21.45
C VAL B 52 -5.03 18.55 -20.44
N TYR B 53 -4.08 19.30 -19.89
CA TYR B 53 -4.38 20.27 -18.84
C TYR B 53 -3.88 21.65 -19.28
N ASN B 54 -3.54 21.72 -20.56
CA ASN B 54 -3.05 22.91 -21.20
C ASN B 54 -3.00 22.59 -22.70
N TYR B 55 -2.92 23.61 -23.55
CA TYR B 55 -2.80 23.41 -25.00
C TYR B 55 -1.44 22.83 -25.28
N ALA B 56 -1.33 21.93 -26.26
CA ALA B 56 -0.02 21.44 -26.63
C ALA B 56 0.82 22.57 -27.34
N HIS B 57 2.13 22.34 -27.37
CA HIS B 57 3.04 23.21 -28.09
C HIS B 57 3.59 22.49 -29.28
N ILE B 58 4.29 23.25 -30.12
CA ILE B 58 4.68 22.81 -31.43
C ILE B 58 5.70 21.69 -31.38
N GLY B 59 6.39 21.59 -30.24
CA GLY B 59 7.29 20.48 -29.98
C GLY B 59 6.48 19.20 -30.01
N ASN B 60 5.37 19.19 -29.28
CA ASN B 60 4.46 18.04 -29.27
C ASN B 60 3.96 17.71 -30.67
N PHE B 61 3.54 18.73 -31.40
CA PHE B 61 3.01 18.49 -32.74
C PHE B 61 4.09 17.98 -33.69
N ARG B 62 5.35 18.37 -33.48
CA ARG B 62 6.41 17.90 -34.33
C ARG B 62 6.36 16.39 -34.28
N THR B 63 6.35 15.84 -33.07
CA THR B 63 6.25 14.42 -32.81
C THR B 63 4.99 13.79 -33.43
N TYR B 64 3.83 14.46 -33.35
CA TYR B 64 2.63 13.87 -33.94
C TYR B 64 2.54 14.03 -35.43
N ILE B 65 3.35 14.90 -36.01
CA ILE B 65 3.40 14.99 -37.46
C ILE B 65 4.21 13.80 -37.96
N PHE B 66 5.24 13.46 -37.18
CA PHE B 66 6.07 12.30 -37.46
C PHE B 66 5.26 11.00 -37.44
N GLY B 67 4.40 10.88 -36.42
CA GLY B 67 3.49 9.76 -36.25
C GLY B 67 2.57 9.73 -37.43
N ASP B 68 2.09 10.90 -37.81
CA ASP B 68 1.23 11.05 -38.96
C ASP B 68 1.90 10.52 -40.23
N LEU B 69 3.13 10.94 -40.50
CA LEU B 69 3.86 10.47 -41.69
C LEU B 69 4.06 8.94 -41.69
N LEU B 70 4.31 8.35 -40.51
CA LEU B 70 4.54 6.94 -40.40
C LEU B 70 3.30 6.21 -40.81
N ILE B 71 2.20 6.47 -40.16
CA ILE B 71 0.91 5.87 -40.51
C ILE B 71 0.55 6.18 -42.00
N LYS B 72 0.62 7.43 -42.44
CA LYS B 72 0.32 7.74 -43.86
C LYS B 72 1.18 6.92 -44.83
N THR B 73 2.48 6.83 -44.55
CA THR B 73 3.41 6.13 -45.41
C THR B 73 3.11 4.64 -45.44
N LEU B 74 2.77 4.10 -44.27
CA LEU B 74 2.36 2.71 -44.16
C LEU B 74 1.13 2.41 -45.04
N ARG B 75 0.12 3.25 -44.95
CA ARG B 75 -1.04 3.11 -45.80
C ARG B 75 -0.72 3.33 -47.32
N PHE B 76 0.05 4.38 -47.62
CA PHE B 76 0.44 4.70 -49.01
C PHE B 76 1.13 3.45 -49.60
N LEU B 77 1.92 2.77 -48.76
CA LEU B 77 2.70 1.59 -49.19
C LEU B 77 1.91 0.26 -49.24
N GLY B 78 0.69 0.26 -48.73
CA GLY B 78 -0.21 -0.89 -48.93
C GLY B 78 -0.44 -1.69 -47.67
N TYR B 79 0.07 -1.20 -46.53
CA TYR B 79 -0.12 -1.86 -45.25
C TYR B 79 -1.49 -1.48 -44.72
N LYS B 80 -2.20 -2.44 -44.11
CA LYS B 80 -3.46 -2.19 -43.42
C LYS B 80 -3.07 -1.98 -41.98
N VAL B 81 -3.45 -0.83 -41.46
CA VAL B 81 -2.86 -0.35 -40.26
C VAL B 81 -3.96 -0.06 -39.26
N ASN B 82 -3.72 -0.37 -37.99
CA ASN B 82 -4.61 0.05 -36.92
C ASN B 82 -3.85 0.84 -35.88
N TYR B 83 -4.30 2.07 -35.64
CA TYR B 83 -3.48 3.06 -34.97
C TYR B 83 -4.22 3.65 -33.80
N ALA B 84 -3.60 3.54 -32.63
CA ALA B 84 -4.18 3.99 -31.37
C ALA B 84 -3.29 5.02 -30.64
N MET B 85 -3.94 5.90 -29.91
CA MET B 85 -3.26 6.91 -29.12
C MET B 85 -3.98 7.08 -27.79
N ASN B 86 -3.23 7.35 -26.72
CA ASN B 86 -3.85 7.58 -25.40
C ASN B 86 -4.04 9.06 -25.17
N ILE B 87 -5.04 9.35 -24.36
CA ILE B 87 -5.16 10.64 -23.72
C ILE B 87 -5.00 10.39 -22.22
N THR B 88 -3.91 10.89 -21.64
CA THR B 88 -3.73 10.85 -20.19
C THR B 88 -4.56 11.95 -19.61
N ASP B 89 -5.71 11.61 -19.04
CA ASP B 89 -6.55 12.63 -18.43
C ASP B 89 -6.72 12.51 -16.92
N ILE B 90 -5.79 11.86 -16.21
CA ILE B 90 -6.03 11.56 -14.80
C ILE B 90 -5.73 12.77 -13.91
N GLY B 91 -4.48 13.25 -13.94
CA GLY B 91 -4.04 14.34 -13.07
C GLY B 91 -2.60 14.17 -12.66
N HIS B 92 -2.32 14.28 -11.35
CA HIS B 92 -0.94 14.37 -10.81
C HIS B 92 -0.25 15.65 -11.23
N GLY B 112 -13.57 27.25 -11.27
CA GLY B 112 -14.06 26.23 -10.35
C GLY B 112 -14.76 25.08 -11.06
N LEU B 113 -13.98 24.12 -11.57
CA LEU B 113 -14.48 23.07 -12.49
C LEU B 113 -13.98 21.63 -12.19
N THR B 114 -14.61 20.65 -12.84
CA THR B 114 -14.17 19.24 -12.81
C THR B 114 -12.87 19.07 -13.57
N VAL B 115 -12.01 18.22 -13.04
CA VAL B 115 -10.87 17.69 -13.78
C VAL B 115 -11.30 17.14 -15.14
N TYR B 116 -12.39 16.38 -15.18
CA TYR B 116 -12.85 15.88 -16.48
C TYR B 116 -13.19 16.98 -17.50
N GLU B 117 -13.72 18.10 -17.03
CA GLU B 117 -14.01 19.23 -17.91
C GLU B 117 -12.74 19.88 -18.40
N ILE B 118 -11.80 20.10 -17.48
CA ILE B 118 -10.50 20.64 -17.86
C ILE B 118 -9.86 19.72 -18.91
N SER B 119 -9.75 18.44 -18.60
CA SER B 119 -9.27 17.50 -19.60
C SER B 119 -10.16 17.33 -20.86
N GLU B 120 -11.49 17.40 -20.76
CA GLU B 120 -12.34 17.31 -21.98
C GLU B 120 -12.12 18.46 -22.93
N PHE B 121 -11.96 19.65 -22.37
CA PHE B 121 -11.73 20.85 -23.17
C PHE B 121 -10.43 20.78 -23.93
N PHE B 122 -9.35 20.47 -23.23
CA PHE B 122 -8.05 20.40 -23.85
C PHE B 122 -7.84 19.23 -24.84
N THR B 123 -8.64 18.18 -24.69
CA THR B 123 -8.65 17.07 -25.63
C THR B 123 -9.27 17.54 -26.95
N GLU B 124 -10.40 18.24 -26.90
CA GLU B 124 -11.00 18.74 -28.15
C GLU B 124 -10.04 19.73 -28.79
N ALA B 125 -9.35 20.51 -27.98
CA ALA B 125 -8.41 21.50 -28.51
C ALA B 125 -7.22 20.80 -29.17
N PHE B 126 -6.70 19.76 -28.52
CA PHE B 126 -5.68 18.96 -29.15
C PHE B 126 -6.11 18.51 -30.56
N PHE B 127 -7.29 17.89 -30.64
CA PHE B 127 -7.73 17.32 -31.92
C PHE B 127 -8.11 18.36 -32.94
N ASN B 128 -8.56 19.51 -32.45
CA ASN B 128 -8.59 20.74 -33.24
C ASN B 128 -7.28 21.16 -33.90
N ASP B 129 -6.18 21.12 -33.15
CA ASP B 129 -4.90 21.59 -33.67
C ASP B 129 -4.40 20.56 -34.65
N CYS B 130 -4.60 19.29 -34.31
CA CYS B 130 -4.30 18.19 -35.22
C CYS B 130 -5.01 18.34 -36.55
N ARG B 131 -6.30 18.60 -36.51
CA ARG B 131 -7.08 18.83 -37.71
C ARG B 131 -6.45 20.00 -38.52
N LYS B 132 -6.00 21.03 -37.82
CA LYS B 132 -5.39 22.20 -38.49
C LYS B 132 -4.06 21.83 -39.13
N LEU B 133 -3.34 20.86 -38.54
CA LEU B 133 -2.04 20.37 -39.04
C LEU B 133 -2.11 19.15 -39.96
N ASN B 134 -3.31 18.83 -40.45
CA ASN B 134 -3.59 17.59 -41.20
C ASN B 134 -2.98 16.32 -40.60
N ILE B 135 -3.12 16.16 -39.29
CA ILE B 135 -2.65 14.93 -38.66
C ILE B 135 -3.82 13.94 -38.63
N VAL B 136 -3.58 12.73 -39.14
CA VAL B 136 -4.63 11.69 -39.14
C VAL B 136 -5.15 11.39 -37.74
N TYR B 137 -6.46 11.15 -37.66
CA TYR B 137 -7.11 10.91 -36.43
C TYR B 137 -7.00 9.40 -36.14
N PRO B 138 -6.68 9.04 -34.88
CA PRO B 138 -6.44 7.63 -34.55
C PRO B 138 -7.66 6.79 -34.80
N ASP B 139 -7.41 5.54 -35.14
CA ASP B 139 -8.47 4.57 -35.29
C ASP B 139 -9.10 4.34 -33.89
N LYS B 140 -8.30 4.47 -32.85
CA LYS B 140 -8.82 4.34 -31.50
C LYS B 140 -8.08 5.27 -30.53
N VAL B 141 -8.89 6.03 -29.80
CA VAL B 141 -8.45 6.86 -28.71
C VAL B 141 -8.77 6.13 -27.40
N LEU B 142 -7.74 5.90 -26.59
CA LEU B 142 -7.89 5.18 -25.34
C LEU B 142 -7.75 6.12 -24.12
N VAL B 143 -8.84 6.59 -23.54
CA VAL B 143 -8.71 7.60 -22.46
C VAL B 143 -8.46 6.92 -21.07
N ALA B 144 -7.35 7.29 -20.43
CA ALA B 144 -6.95 6.67 -19.15
C ALA B 144 -8.07 6.44 -18.12
N SER B 145 -8.92 7.45 -17.88
CA SER B 145 -9.91 7.39 -16.84
C SER B 145 -10.96 6.32 -17.16
N LYS B 146 -11.00 5.92 -18.42
CA LYS B 146 -11.97 4.94 -18.87
C LYS B 146 -11.38 3.52 -18.77
N HIS B 147 -10.15 3.38 -18.31
CA HIS B 147 -9.52 2.04 -18.30
C HIS B 147 -8.86 1.60 -17.03
N ILE B 148 -9.37 2.08 -15.89
CA ILE B 148 -8.81 1.76 -14.58
C ILE B 148 -8.84 0.23 -14.27
N PRO B 149 -9.91 -0.48 -14.68
CA PRO B 149 -9.93 -1.95 -14.41
C PRO B 149 -8.74 -2.81 -14.94
N ILE B 150 -8.33 -2.65 -16.20
CA ILE B 150 -7.16 -3.37 -16.71
C ILE B 150 -5.87 -2.98 -15.97
N MET B 151 -5.72 -1.69 -15.67
CA MET B 151 -4.57 -1.22 -14.93
C MET B 151 -4.42 -1.93 -13.59
N ILE B 152 -5.56 -2.17 -12.92
CA ILE B 152 -5.56 -2.88 -11.65
C ILE B 152 -5.29 -4.37 -11.87
N GLU B 153 -5.85 -4.93 -12.94
CA GLU B 153 -5.67 -6.36 -13.26
C GLU B 153 -4.20 -6.72 -13.63
N VAL B 154 -3.55 -5.84 -14.39
CA VAL B 154 -2.10 -5.92 -14.64
C VAL B 154 -1.24 -5.88 -13.37
N VAL B 155 -1.46 -4.88 -12.51
CA VAL B 155 -0.78 -4.83 -11.22
C VAL B 155 -1.05 -6.11 -10.38
N LYS B 156 -2.31 -6.49 -10.22
CA LYS B 156 -2.62 -7.76 -9.50
C LYS B 156 -1.72 -8.94 -9.92
N ILE B 157 -1.53 -9.08 -11.23
CA ILE B 157 -0.71 -10.15 -11.84
C ILE B 157 0.78 -10.03 -11.47
N LEU B 158 1.38 -8.87 -11.78
CA LEU B 158 2.77 -8.56 -11.42
C LEU B 158 3.04 -8.81 -9.93
N GLU B 159 2.05 -8.48 -9.08
CA GLU B 159 2.08 -8.84 -7.66
C GLU B 159 2.24 -10.37 -7.41
N GLU B 160 1.44 -11.19 -8.06
CA GLU B 160 1.56 -12.60 -7.74
C GLU B 160 2.77 -13.21 -8.41
N LYS B 161 3.31 -12.54 -9.42
CA LYS B 161 4.66 -12.92 -9.87
C LYS B 161 5.78 -12.33 -8.98
N LYS B 162 5.40 -11.74 -7.84
CA LYS B 162 6.33 -11.19 -6.81
C LYS B 162 7.32 -10.12 -7.30
N ILE B 163 6.84 -9.28 -8.20
CA ILE B 163 7.64 -8.29 -8.87
C ILE B 163 7.32 -6.94 -8.24
N THR B 164 6.28 -6.92 -7.43
CA THR B 164 5.92 -5.67 -6.83
C THR B 164 6.27 -5.59 -5.36
N TYR B 165 6.17 -4.37 -4.83
CA TYR B 165 6.24 -4.11 -3.41
C TYR B 165 5.68 -2.72 -3.21
N PHE B 166 5.42 -2.36 -1.95
CA PHE B 166 4.68 -1.16 -1.55
C PHE B 166 5.55 -0.36 -0.60
N SER B 167 5.74 0.91 -0.90
CA SER B 167 6.56 1.75 -0.06
C SER B 167 6.03 3.15 -0.01
N ASN B 168 5.98 3.68 1.20
CA ASN B 168 5.51 5.04 1.46
C ASN B 168 4.24 5.38 0.68
N GLY B 169 3.29 4.44 0.63
CA GLY B 169 2.02 4.69 -0.06
C GLY B 169 1.96 4.31 -1.52
N ASN B 170 3.09 3.92 -2.11
CA ASN B 170 3.10 3.52 -3.52
C ASN B 170 3.42 2.04 -3.80
N VAL B 171 2.81 1.50 -4.87
CA VAL B 171 3.18 0.13 -5.34
C VAL B 171 4.25 0.22 -6.43
N TYR B 172 5.45 -0.30 -6.16
CA TYR B 172 6.54 -0.18 -7.11
C TYR B 172 6.69 -1.47 -7.93
N PHE B 173 7.41 -1.36 -9.06
CA PHE B 173 7.89 -2.49 -9.85
C PHE B 173 9.31 -2.72 -9.37
N ASP B 174 9.66 -3.94 -9.01
CA ASP B 174 11.03 -4.14 -8.59
C ASP B 174 11.85 -4.50 -9.83
N THR B 175 12.57 -3.51 -10.36
CA THR B 175 13.28 -3.67 -11.64
C THR B 175 14.43 -4.65 -11.50
N SER B 176 14.80 -4.93 -10.26
CA SER B 176 15.82 -5.92 -9.94
C SER B 176 15.34 -7.31 -10.34
N CYS B 177 14.02 -7.48 -10.35
CA CYS B 177 13.40 -8.78 -10.67
C CYS B 177 13.28 -8.99 -12.19
N PHE B 178 13.92 -8.10 -12.94
CA PHE B 178 13.87 -8.11 -14.39
C PHE B 178 15.23 -7.72 -14.92
N LYS B 179 16.08 -8.72 -15.22
CA LYS B 179 17.48 -8.45 -15.56
C LYS B 179 17.71 -7.65 -16.85
N SER B 180 16.76 -7.76 -17.80
CA SER B 180 16.86 -7.02 -19.08
C SER B 180 16.19 -5.65 -19.03
N TYR B 181 15.97 -5.16 -17.82
CA TYR B 181 15.41 -3.85 -17.65
C TYR B 181 16.32 -2.84 -18.31
N GLY B 182 15.69 -1.94 -19.06
CA GLY B 182 16.33 -0.80 -19.70
C GLY B 182 17.38 -1.09 -20.75
N GLU B 183 17.39 -2.30 -21.31
CA GLU B 183 18.36 -2.63 -22.35
C GLU B 183 18.31 -1.63 -23.49
N MET B 184 17.10 -1.14 -23.81
CA MET B 184 16.86 -0.20 -24.92
C MET B 184 17.47 1.18 -24.65
N ALA B 185 17.79 1.44 -23.38
CA ALA B 185 18.23 2.78 -23.00
C ALA B 185 19.75 2.88 -22.77
N GLY B 186 20.43 1.76 -22.94
CA GLY B 186 21.81 1.61 -22.45
C GLY B 186 21.69 1.03 -21.05
N ILE B 187 21.06 1.80 -20.18
CA ILE B 187 20.68 1.39 -18.84
C ILE B 187 19.60 2.35 -18.34
N LYS B 203 14.71 7.99 -1.95
CA LYS B 203 15.25 6.92 -1.11
C LYS B 203 14.19 5.93 -0.58
N PHE B 204 13.00 5.97 -1.14
CA PHE B 204 11.94 5.03 -0.75
C PHE B 204 11.90 3.73 -1.57
N LYS B 205 12.92 3.50 -2.41
CA LYS B 205 12.90 2.37 -3.36
C LYS B 205 13.96 1.32 -3.08
N ARG B 206 13.68 0.06 -3.45
CA ARG B 206 14.69 -1.01 -3.45
C ARG B 206 15.85 -0.68 -4.41
N ASN B 207 15.52 -0.20 -5.61
CA ASN B 207 16.56 0.13 -6.61
C ASN B 207 16.28 1.52 -7.21
N LYS B 208 17.30 2.17 -7.78
CA LYS B 208 17.15 3.54 -8.34
C LYS B 208 16.17 3.57 -9.52
N THR B 209 16.18 2.50 -10.32
CA THR B 209 15.39 2.48 -11.54
C THR B 209 13.94 2.00 -11.34
N ASP B 210 13.56 1.76 -10.09
CA ASP B 210 12.24 1.25 -9.78
C ASP B 210 11.24 2.34 -10.11
N PHE B 211 10.07 1.94 -10.62
CA PHE B 211 9.04 2.91 -10.99
C PHE B 211 7.72 2.65 -10.23
N VAL B 212 7.02 3.75 -9.91
CA VAL B 212 5.71 3.63 -9.31
C VAL B 212 4.74 3.01 -10.35
N LEU B 213 3.90 2.08 -9.87
CA LEU B 213 2.77 1.59 -10.62
C LEU B 213 1.49 2.29 -10.14
N TRP B 214 1.24 2.21 -8.84
CA TRP B 214 0.01 2.73 -8.26
C TRP B 214 0.34 3.62 -7.10
N PHE B 215 -0.06 4.87 -7.22
CA PHE B 215 0.17 5.87 -6.19
C PHE B 215 -1.02 5.83 -5.28
N THR B 216 -0.81 5.91 -3.97
CA THR B 216 -1.95 6.15 -3.06
C THR B 216 -1.75 7.35 -2.15
N ASN B 217 -2.85 7.95 -1.74
CA ASN B 217 -2.86 8.93 -0.65
C ASN B 217 -4.11 8.69 0.20
N SER B 218 -4.05 9.01 1.49
CA SER B 218 -5.15 8.69 2.40
C SER B 218 -6.35 9.61 2.24
N LYS B 219 -6.07 10.88 1.99
CA LYS B 219 -7.10 11.88 1.76
C LYS B 219 -6.85 12.55 0.42
N PHE B 220 -7.87 12.51 -0.42
CA PHE B 220 -7.90 13.31 -1.63
C PHE B 220 -8.73 14.58 -1.36
N LYS B 221 -8.13 15.75 -1.61
CA LYS B 221 -8.84 17.04 -1.64
C LYS B 221 -9.99 16.97 -2.69
N ASP B 222 -11.06 17.72 -2.44
CA ASP B 222 -12.40 17.53 -3.08
C ASP B 222 -12.51 17.22 -4.60
N GLN B 223 -11.57 17.73 -5.41
CA GLN B 223 -11.61 17.55 -6.87
C GLN B 223 -10.62 16.54 -7.47
N GLU B 224 -9.70 16.03 -6.65
CA GLU B 224 -8.73 15.01 -7.08
C GLU B 224 -9.39 13.68 -7.45
N MET B 225 -8.98 13.05 -8.54
CA MET B 225 -9.53 11.70 -8.83
C MET B 225 -8.71 10.56 -8.25
N LYS B 226 -9.43 9.51 -7.87
CA LYS B 226 -8.89 8.34 -7.21
C LYS B 226 -9.82 7.16 -7.47
N TRP B 227 -9.27 5.96 -7.41
CA TRP B 227 -10.05 4.73 -7.48
C TRP B 227 -9.67 3.81 -6.37
N ASP B 228 -10.64 3.05 -5.87
CA ASP B 228 -10.37 1.91 -5.01
C ASP B 228 -9.46 0.86 -5.70
N SER B 229 -8.72 0.11 -4.88
CA SER B 229 -7.83 -0.94 -5.34
C SER B 229 -7.47 -1.78 -4.14
N PRO B 230 -6.91 -2.98 -4.37
CA PRO B 230 -6.50 -3.78 -3.22
C PRO B 230 -5.34 -3.17 -2.41
N TRP B 231 -4.77 -2.03 -2.86
CA TRP B 231 -3.67 -1.38 -2.10
C TRP B 231 -4.02 0.00 -1.58
N GLY B 232 -5.31 0.30 -1.59
CA GLY B 232 -5.83 1.58 -1.15
C GLY B 232 -6.20 2.45 -2.33
N PHE B 233 -7.07 3.43 -2.06
CA PHE B 233 -7.39 4.50 -3.02
C PHE B 233 -6.15 5.24 -3.54
N GLY B 234 -6.05 5.35 -4.85
CA GLY B 234 -4.97 6.12 -5.45
C GLY B 234 -5.24 6.25 -6.93
N TYR B 235 -4.17 6.35 -7.70
CA TYR B 235 -4.26 6.42 -9.16
C TYR B 235 -3.09 5.73 -9.84
N PRO B 236 -3.27 5.36 -11.12
CA PRO B 236 -2.18 4.71 -11.85
C PRO B 236 -1.10 5.71 -12.21
N SER B 237 0.10 5.19 -12.46
CA SER B 237 1.22 5.97 -12.96
C SER B 237 1.17 5.94 -14.46
N TRP B 238 1.78 6.90 -15.11
CA TRP B 238 1.61 6.99 -16.54
C TRP B 238 2.21 5.85 -17.31
N HIS B 239 3.18 5.17 -16.70
CA HIS B 239 3.75 3.96 -17.30
C HIS B 239 2.72 2.86 -17.27
N LEU B 240 2.00 2.71 -16.15
CA LEU B 240 0.95 1.68 -16.09
C LEU B 240 -0.19 1.95 -17.08
N GLU B 241 -0.63 3.19 -17.18
CA GLU B 241 -1.73 3.52 -18.09
C GLU B 241 -1.42 3.11 -19.48
N CYS B 242 -0.26 3.51 -19.95
CA CYS B 242 0.12 3.26 -21.31
C CYS B 242 0.26 1.76 -21.60
N ALA B 243 0.95 1.06 -20.70
CA ALA B 243 1.22 -0.35 -20.89
C ALA B 243 -0.08 -1.13 -20.90
N ALA B 244 -0.93 -0.90 -19.91
CA ALA B 244 -2.16 -1.65 -19.73
C ALA B 244 -3.14 -1.40 -20.88
N MET B 245 -3.35 -0.14 -21.24
CA MET B 245 -4.21 0.17 -22.37
C MET B 245 -3.72 -0.49 -23.66
N ASN B 246 -2.43 -0.50 -23.89
CA ASN B 246 -1.94 -1.34 -24.98
C ASN B 246 -2.44 -2.78 -24.87
N LEU B 247 -2.30 -3.36 -23.67
CA LEU B 247 -2.65 -4.75 -23.43
C LEU B 247 -4.14 -5.02 -23.55
N GLU B 248 -5.00 -4.15 -23.02
CA GLU B 248 -6.45 -4.26 -23.28
C GLU B 248 -6.73 -4.29 -24.79
N TYR B 249 -6.26 -3.27 -25.49
CA TYR B 249 -6.69 -3.02 -26.85
C TYR B 249 -5.98 -3.86 -27.91
N PHE B 250 -4.65 -3.91 -27.88
CA PHE B 250 -3.93 -4.76 -28.83
C PHE B 250 -3.60 -6.15 -28.27
N LYS B 251 -4.04 -6.42 -27.03
CA LYS B 251 -3.85 -7.70 -26.34
C LYS B 251 -2.36 -7.90 -26.26
N ASP B 252 -1.85 -8.99 -26.84
CA ASP B 252 -0.41 -9.20 -26.87
C ASP B 252 0.31 -8.70 -28.13
N ALA B 253 -0.42 -8.05 -29.06
CA ALA B 253 0.08 -7.93 -30.43
C ALA B 253 0.57 -6.57 -31.00
N LEU B 254 1.04 -5.64 -30.17
CA LEU B 254 1.58 -4.39 -30.73
C LEU B 254 2.80 -4.58 -31.59
N ASP B 255 2.81 -3.96 -32.76
CA ASP B 255 3.91 -4.08 -33.70
C ASP B 255 4.87 -2.89 -33.71
N ILE B 256 4.34 -1.68 -33.59
CA ILE B 256 5.16 -0.46 -33.51
C ILE B 256 4.69 0.47 -32.39
N HIS B 257 5.64 1.02 -31.64
CA HIS B 257 5.34 1.94 -30.56
C HIS B 257 6.05 3.21 -30.86
N LEU B 258 5.30 4.31 -30.77
CA LEU B 258 5.81 5.62 -31.10
C LEU B 258 5.95 6.47 -29.87
N GLY B 259 6.93 7.39 -29.91
CA GLY B 259 7.17 8.34 -28.82
C GLY B 259 8.30 9.28 -29.18
N GLY B 260 8.68 10.13 -28.23
CA GLY B 260 9.73 11.10 -28.42
C GLY B 260 10.95 10.59 -27.73
N VAL B 261 12.13 10.99 -28.20
CA VAL B 261 13.37 10.39 -27.70
C VAL B 261 13.47 10.37 -26.16
N ASP B 262 12.82 11.34 -25.51
CA ASP B 262 12.79 11.44 -24.05
C ASP B 262 12.11 10.25 -23.38
N HIS B 263 11.17 9.61 -24.09
CA HIS B 263 10.53 8.39 -23.57
C HIS B 263 11.47 7.20 -23.54
N ILE B 264 12.59 7.28 -24.25
CA ILE B 264 13.49 6.13 -24.32
C ILE B 264 13.98 5.71 -22.92
N GLY B 265 14.45 6.71 -22.17
CA GLY B 265 15.19 6.50 -20.93
C GLY B 265 14.47 6.08 -19.66
N VAL B 266 13.20 6.44 -19.55
CA VAL B 266 12.36 6.08 -18.40
C VAL B 266 11.08 5.39 -18.88
N HIS B 267 10.26 6.10 -19.68
CA HIS B 267 8.83 5.72 -19.95
C HIS B 267 8.56 4.51 -20.79
N HIS B 268 9.25 4.41 -21.92
CA HIS B 268 9.09 3.25 -22.76
C HIS B 268 9.76 2.05 -22.23
N ILE B 269 10.90 2.21 -21.58
CA ILE B 269 11.56 1.02 -20.98
C ILE B 269 10.76 0.46 -19.81
N ASN B 270 10.01 1.31 -19.11
CA ASN B 270 9.05 0.87 -18.07
C ASN B 270 7.78 0.22 -18.62
N GLU B 271 7.25 0.73 -19.74
CA GLU B 271 6.15 0.06 -20.38
C GLU B 271 6.56 -1.38 -20.75
N ILE B 272 7.73 -1.52 -21.39
CA ILE B 272 8.21 -2.81 -21.73
C ILE B 272 8.29 -3.69 -20.49
N ALA B 273 8.79 -3.15 -19.39
CA ALA B 273 8.89 -3.97 -18.19
C ALA B 273 7.51 -4.44 -17.78
N ILE B 274 6.52 -3.56 -17.88
CA ILE B 274 5.19 -3.93 -17.40
C ILE B 274 4.65 -5.01 -18.31
N ALA B 275 4.53 -4.74 -19.60
CA ALA B 275 4.01 -5.73 -20.55
C ALA B 275 4.70 -7.09 -20.58
N GLU B 276 6.01 -7.10 -20.74
CA GLU B 276 6.71 -8.38 -20.89
C GLU B 276 6.56 -9.24 -19.64
N CYS B 277 6.59 -8.62 -18.46
CA CYS B 277 6.42 -9.42 -17.26
C CYS B 277 4.96 -9.90 -17.17
N PHE B 278 4.01 -9.05 -17.58
CA PHE B 278 2.59 -9.44 -17.60
C PHE B 278 2.41 -10.60 -18.55
N LEU B 279 2.79 -10.40 -19.80
CA LEU B 279 2.62 -11.35 -20.89
C LEU B 279 3.48 -12.60 -20.78
N ASN B 280 4.51 -12.53 -19.96
CA ASN B 280 5.56 -13.54 -19.84
C ASN B 280 6.21 -13.89 -21.21
N LYS B 281 6.37 -12.86 -22.06
CA LYS B 281 6.93 -13.03 -23.42
C LYS B 281 7.26 -11.68 -24.06
N LYS B 282 8.00 -11.75 -25.17
CA LYS B 282 8.43 -10.61 -25.97
C LYS B 282 7.22 -9.75 -26.34
N TRP B 283 7.28 -8.47 -25.96
CA TRP B 283 6.24 -7.53 -26.33
C TRP B 283 6.78 -6.48 -27.24
N CYS B 284 6.14 -6.35 -28.40
CA CYS B 284 6.33 -5.20 -29.31
C CYS B 284 7.72 -5.05 -29.94
N ASP B 285 7.91 -5.55 -31.14
CA ASP B 285 9.28 -5.58 -31.69
C ASP B 285 9.85 -4.22 -32.13
N VAL B 286 9.01 -3.26 -32.47
CA VAL B 286 9.52 -1.99 -32.97
C VAL B 286 9.16 -0.77 -32.10
N PHE B 287 10.18 0.02 -31.74
CA PHE B 287 10.04 1.34 -31.06
C PHE B 287 10.76 2.43 -31.86
N VAL B 288 9.99 3.41 -32.32
CA VAL B 288 10.48 4.46 -33.18
C VAL B 288 10.33 5.78 -32.44
N HIS B 289 11.40 6.56 -32.37
CA HIS B 289 11.35 7.79 -31.59
C HIS B 289 11.73 8.97 -32.47
N GLY B 290 10.98 10.08 -32.37
CA GLY B 290 11.34 11.33 -33.06
C GLY B 290 12.19 12.26 -32.20
N GLU B 291 13.12 12.98 -32.80
CA GLU B 291 13.96 13.92 -32.06
C GLU B 291 13.21 15.23 -31.75
N PHE B 292 13.80 16.04 -30.84
CA PHE B 292 13.13 17.24 -30.34
C PHE B 292 13.09 18.37 -31.35
N LEU B 293 12.09 19.22 -31.17
CA LEU B 293 12.11 20.54 -31.73
C LEU B 293 12.81 21.42 -30.70
N ILE B 294 13.81 22.16 -31.18
CA ILE B 294 14.63 23.06 -30.37
C ILE B 294 14.34 24.53 -30.73
N MET B 295 14.18 25.37 -29.69
CA MET B 295 13.99 26.82 -29.88
C MET B 295 15.24 27.67 -29.55
N ASP B 296 15.54 27.90 -28.27
CA ASP B 296 16.66 28.80 -27.90
C ASP B 296 17.94 28.03 -27.53
N TYR B 297 18.33 27.09 -28.40
CA TYR B 297 19.37 26.08 -28.09
C TYR B 297 18.94 25.08 -27.00
N ASN B 298 17.71 25.21 -26.53
CA ASN B 298 17.09 24.31 -25.54
C ASN B 298 15.78 23.76 -26.09
N LYS B 299 15.48 22.49 -25.82
CA LYS B 299 14.29 21.83 -26.36
C LYS B 299 12.98 22.43 -25.85
N MET B 300 11.95 22.43 -26.68
CA MET B 300 10.68 23.04 -26.29
C MET B 300 9.97 22.37 -25.11
N SER B 301 9.35 23.18 -24.27
CA SER B 301 8.49 22.70 -23.19
C SER B 301 7.85 23.85 -22.40
N PHE B 307 8.61 27.70 -25.89
CA PHE B 307 7.32 27.00 -26.02
C PHE B 307 6.24 27.85 -26.69
N ILE B 308 5.74 27.39 -27.85
CA ILE B 308 4.79 28.14 -28.69
C ILE B 308 3.62 27.24 -29.09
N THR B 309 2.39 27.77 -29.09
CA THR B 309 1.22 26.99 -29.53
C THR B 309 0.96 27.32 -30.97
N VAL B 310 -0.01 26.64 -31.56
CA VAL B 310 -0.47 26.85 -32.92
C VAL B 310 -1.09 28.22 -33.08
N LYS B 311 -1.88 28.62 -32.09
CA LYS B 311 -2.57 29.90 -32.07
C LYS B 311 -1.51 30.99 -32.13
N ASP B 312 -0.47 30.87 -31.29
CA ASP B 312 0.63 31.84 -31.25
C ASP B 312 1.09 32.08 -32.65
N LEU B 313 1.14 30.99 -33.41
CA LEU B 313 1.68 30.95 -34.75
C LEU B 313 0.70 31.60 -35.67
N GLU B 314 -0.58 31.27 -35.54
CA GLU B 314 -1.61 31.95 -36.34
C GLU B 314 -1.64 33.44 -36.01
N ASP B 315 -1.39 33.77 -34.75
CA ASP B 315 -1.35 35.18 -34.33
C ASP B 315 -0.23 36.03 -34.98
N GLN B 316 0.89 35.39 -35.31
CA GLN B 316 2.03 36.06 -35.95
C GLN B 316 1.95 35.93 -37.46
N ASN B 317 0.73 35.73 -37.97
CA ASN B 317 0.42 35.74 -39.41
C ASN B 317 0.85 34.48 -40.15
N PHE B 318 1.03 33.40 -39.40
CA PHE B 318 1.43 32.13 -39.96
C PHE B 318 0.23 31.22 -40.21
N SER B 319 0.40 30.28 -41.12
CA SER B 319 -0.61 29.26 -41.20
C SER B 319 -0.03 27.92 -40.70
N PRO B 320 -0.88 27.10 -40.06
CA PRO B 320 -0.39 25.87 -39.46
C PRO B 320 0.40 25.04 -40.48
N LEU B 321 -0.02 25.03 -41.73
CA LEU B 321 0.68 24.19 -42.72
C LEU B 321 2.08 24.71 -43.07
N ASP B 322 2.42 25.90 -42.60
CA ASP B 322 3.78 26.40 -42.69
C ASP B 322 4.63 25.62 -41.74
N PHE B 323 4.09 25.43 -40.53
CA PHE B 323 4.81 24.64 -39.57
C PHE B 323 4.92 23.20 -40.09
N ARG B 324 3.85 22.69 -40.68
CA ARG B 324 3.88 21.34 -41.21
C ARG B 324 5.05 21.20 -42.19
N TYR B 325 5.08 22.12 -43.16
CA TYR B 325 6.07 22.11 -44.19
C TYR B 325 7.48 22.05 -43.59
N LEU B 326 7.76 23.00 -42.72
CA LEU B 326 8.95 22.94 -41.90
C LEU B 326 9.24 21.51 -41.37
N CYS B 327 8.26 20.85 -40.76
CA CYS B 327 8.51 19.50 -40.30
C CYS B 327 8.87 18.52 -41.45
N LEU B 328 8.28 18.76 -42.63
CA LEU B 328 8.45 17.87 -43.74
C LEU B 328 9.90 17.93 -44.14
N THR B 329 10.49 19.11 -44.02
CA THR B 329 11.86 19.32 -44.50
C THR B 329 12.93 18.80 -43.52
N SER B 330 12.47 18.17 -42.45
CA SER B 330 13.41 17.63 -41.47
C SER B 330 13.19 16.14 -41.25
N HIS B 331 14.23 15.34 -41.46
CA HIS B 331 14.13 13.91 -41.07
C HIS B 331 13.77 13.76 -39.62
N TYR B 332 12.97 12.76 -39.29
CA TYR B 332 12.46 12.62 -37.93
C TYR B 332 13.52 12.30 -36.85
N ARG B 333 14.58 11.62 -37.23
CA ARG B 333 15.65 11.33 -36.28
C ARG B 333 16.65 12.48 -36.18
N ASN B 334 16.37 13.60 -36.85
CA ASN B 334 17.17 14.81 -36.65
C ASN B 334 16.41 15.83 -35.80
N GLN B 335 17.16 16.62 -35.03
CA GLN B 335 16.53 17.66 -34.26
C GLN B 335 16.06 18.74 -35.24
N LEU B 336 15.05 19.50 -34.82
CA LEU B 336 14.53 20.57 -35.63
C LEU B 336 14.79 21.84 -34.88
N LYS B 337 15.60 22.69 -35.48
CA LYS B 337 15.96 23.97 -34.90
C LYS B 337 14.91 24.94 -35.36
N PHE B 338 13.88 25.06 -34.56
CA PHE B 338 12.83 25.98 -34.83
C PHE B 338 13.26 27.45 -34.69
N SER B 339 12.74 28.31 -35.57
CA SER B 339 12.95 29.75 -35.48
C SER B 339 11.90 30.38 -36.37
N LEU B 340 11.46 31.60 -36.04
CA LEU B 340 10.61 32.37 -36.94
C LEU B 340 11.23 32.53 -38.32
N ASP B 341 12.55 32.74 -38.39
CA ASP B 341 13.19 32.86 -39.70
C ASP B 341 13.11 31.56 -40.49
N ASN B 342 13.24 30.44 -39.79
CA ASN B 342 13.08 29.15 -40.44
C ASN B 342 11.65 28.88 -40.86
N LEU B 343 10.70 29.38 -40.07
CA LEU B 343 9.31 29.19 -40.40
C LEU B 343 8.99 30.12 -41.54
N GLN B 344 9.58 31.31 -41.51
CA GLN B 344 9.37 32.25 -42.56
C GLN B 344 9.78 31.71 -43.92
N ALA B 345 10.93 31.04 -43.99
CA ALA B 345 11.40 30.39 -45.22
C ALA B 345 10.51 29.21 -45.67
N SER B 346 10.09 28.38 -44.72
CA SER B 346 9.05 27.37 -44.96
C SER B 346 7.73 27.96 -45.52
N LYS B 347 7.27 29.08 -44.96
CA LYS B 347 6.08 29.71 -45.55
C LYS B 347 6.24 30.07 -47.06
N ILE B 348 7.43 30.53 -47.44
CA ILE B 348 7.68 31.01 -48.77
C ILE B 348 7.85 29.86 -49.75
N ALA B 349 8.46 28.76 -49.29
CA ALA B 349 8.61 27.57 -50.11
C ALA B 349 7.21 27.03 -50.40
N ARG B 350 6.36 27.01 -49.36
CA ARG B 350 5.01 26.45 -49.50
C ARG B 350 4.20 27.30 -50.45
N GLU B 351 4.25 28.61 -50.27
CA GLU B 351 3.56 29.50 -51.20
C GLU B 351 4.08 29.32 -52.63
N ASN B 352 5.39 29.16 -52.80
CA ASN B 352 5.94 28.95 -54.14
C ASN B 352 5.43 27.66 -54.76
N LEU B 353 5.26 26.66 -53.90
CA LEU B 353 4.85 25.35 -54.35
C LEU B 353 3.45 25.43 -54.93
N ILE B 354 2.55 25.95 -54.13
CA ILE B 354 1.21 26.22 -54.58
C ILE B 354 1.12 27.14 -55.83
N ASN B 355 1.91 28.21 -55.89
CA ASN B 355 1.88 29.11 -57.07
C ASN B 355 2.40 28.47 -58.33
N LYS B 356 3.42 27.63 -58.20
CA LYS B 356 3.97 26.98 -59.36
C LYS B 356 2.98 25.91 -59.83
N LEU B 357 2.39 25.18 -58.90
CA LEU B 357 1.35 24.21 -59.27
C LEU B 357 0.11 24.90 -59.82
N SER B 358 -0.24 26.06 -59.27
CA SER B 358 -1.43 26.79 -59.74
C SER B 358 -1.35 27.19 -61.20
N TYR B 359 -0.20 27.69 -61.60
CA TYR B 359 0.03 28.05 -62.97
C TYR B 359 -0.01 26.84 -63.91
N PHE B 360 0.46 25.67 -63.47
CA PHE B 360 0.38 24.46 -64.32
C PHE B 360 -1.07 24.05 -64.56
N TYR B 361 -1.86 24.17 -63.49
CA TYR B 361 -3.23 23.75 -63.48
C TYR B 361 -4.09 24.75 -64.26
N GLU B 362 -3.82 26.05 -64.09
CA GLU B 362 -4.60 27.06 -64.81
C GLU B 362 -4.54 26.78 -66.30
N SER B 363 -3.46 26.16 -66.73
CA SER B 363 -3.14 26.11 -68.14
C SER B 363 -3.47 24.79 -68.79
N LEU B 364 -4.33 24.01 -68.13
CA LEU B 364 -4.71 22.69 -68.64
C LEU B 364 -5.92 22.72 -69.58
N ASP B 365 -5.94 21.83 -70.58
CA ASP B 365 -7.15 21.60 -71.39
C ASP B 365 -8.04 20.53 -70.77
N PRO B 366 -9.34 20.51 -71.15
CA PRO B 366 -10.29 19.55 -70.59
C PRO B 366 -9.76 18.11 -70.51
N VAL B 367 -9.21 17.58 -71.60
CA VAL B 367 -8.69 16.21 -71.56
C VAL B 367 -7.59 16.04 -70.51
N ASP B 368 -6.70 17.04 -70.37
CA ASP B 368 -5.60 16.89 -69.43
C ASP B 368 -6.07 17.00 -68.01
N LEU B 369 -6.98 17.94 -67.79
CA LEU B 369 -7.56 18.17 -66.48
C LEU B 369 -8.36 16.93 -66.02
N ASN B 370 -9.17 16.37 -66.92
CA ASN B 370 -9.99 15.21 -66.58
C ASN B 370 -9.15 14.08 -66.02
N THR B 371 -7.92 13.99 -66.56
CA THR B 371 -6.93 12.97 -66.20
C THR B 371 -6.49 13.05 -64.74
N LEU B 372 -6.61 14.25 -64.14
CA LEU B 372 -6.14 14.49 -62.76
C LEU B 372 -7.21 14.25 -61.70
N ASN B 373 -8.43 13.98 -62.14
CA ASN B 373 -9.51 13.73 -61.22
C ASN B 373 -9.90 12.28 -61.27
N LYS B 374 -9.43 11.61 -62.32
CA LYS B 374 -9.36 10.13 -62.43
C LYS B 374 -8.28 9.55 -61.51
N ASP B 375 -8.04 8.24 -61.60
CA ASP B 375 -7.12 7.51 -60.71
C ASP B 375 -5.64 7.81 -61.00
N LEU B 376 -5.00 8.51 -60.08
CA LEU B 376 -3.72 9.13 -60.35
C LEU B 376 -2.59 8.16 -60.65
N LYS B 377 -2.65 6.95 -60.09
CA LYS B 377 -1.52 6.02 -60.25
C LYS B 377 -1.65 5.12 -61.50
N ASN B 378 -2.57 5.50 -62.38
CA ASN B 378 -2.66 4.95 -63.69
C ASN B 378 -1.82 5.82 -64.60
N PHE B 379 -0.52 5.60 -64.53
CA PHE B 379 0.44 6.46 -65.21
C PHE B 379 0.37 6.44 -66.71
N GLY B 380 0.32 7.63 -67.31
CA GLY B 380 0.34 7.81 -68.75
C GLY B 380 1.70 7.68 -69.42
N PHE B 381 2.79 7.94 -68.67
CA PHE B 381 4.16 7.85 -69.20
C PHE B 381 5.13 7.19 -68.26
N SER B 382 6.05 6.41 -68.84
CA SER B 382 7.16 5.80 -68.09
C SER B 382 7.88 6.77 -67.15
N VAL B 383 8.06 8.01 -67.62
CA VAL B 383 8.75 9.02 -66.84
C VAL B 383 8.03 9.25 -65.51
N GLU B 384 6.70 9.16 -65.53
CA GLU B 384 5.90 9.38 -64.32
C GLU B 384 6.12 8.22 -63.33
N LYS B 385 5.95 6.99 -63.80
CA LYS B 385 6.27 5.82 -63.02
C LYS B 385 7.68 5.82 -62.40
N GLU B 386 8.68 6.24 -63.17
CA GLU B 386 10.09 6.37 -62.66
C GLU B 386 10.14 7.30 -61.44
N TYR B 387 9.59 8.49 -61.57
CA TYR B 387 9.51 9.44 -60.46
C TYR B 387 8.74 8.90 -59.26
N TYR B 388 7.59 8.27 -59.51
CA TYR B 388 6.82 7.65 -58.45
C TYR B 388 7.61 6.58 -57.67
N ASP B 389 8.29 5.69 -58.40
CA ASP B 389 9.09 4.63 -57.82
C ASP B 389 10.28 5.19 -57.06
N SER B 390 10.74 6.36 -57.49
CA SER B 390 11.76 7.08 -56.74
C SER B 390 11.20 7.63 -55.42
N PHE B 391 10.02 8.25 -55.48
CA PHE B 391 9.34 8.70 -54.30
C PHE B 391 9.21 7.56 -53.28
N VAL B 392 8.61 6.47 -53.74
CA VAL B 392 8.41 5.30 -52.91
C VAL B 392 9.72 4.95 -52.23
N GLU B 393 10.78 4.78 -53.00
CA GLU B 393 12.05 4.35 -52.46
C GLU B 393 12.53 5.27 -51.33
N LYS B 394 12.32 6.58 -51.49
CA LYS B 394 12.64 7.56 -50.46
C LYS B 394 11.86 7.40 -49.17
N ILE B 395 10.54 7.33 -49.27
CA ILE B 395 9.73 7.22 -48.05
C ILE B 395 9.89 5.85 -47.39
N SER B 396 10.14 4.83 -48.20
CA SER B 396 10.14 3.47 -47.69
C SER B 396 11.43 3.11 -46.96
N PHE B 397 12.45 3.96 -47.09
CA PHE B 397 13.68 3.81 -46.32
C PHE B 397 13.71 4.81 -45.19
N ASP B 398 13.20 4.40 -44.04
CA ASP B 398 13.20 5.20 -42.81
C ASP B 398 12.52 6.58 -42.84
N LEU B 399 11.34 6.60 -43.44
CA LEU B 399 10.48 7.81 -43.50
C LEU B 399 11.17 9.03 -44.07
N ASN B 400 11.93 8.87 -45.14
CA ASN B 400 12.54 10.05 -45.73
C ASN B 400 11.62 10.90 -46.60
N VAL B 401 10.67 11.56 -45.96
CA VAL B 401 9.75 12.48 -46.64
C VAL B 401 10.44 13.78 -47.14
N ALA B 402 11.49 14.21 -46.45
CA ALA B 402 12.31 15.35 -46.86
C ALA B 402 12.98 15.14 -48.24
N GLN B 403 13.45 13.93 -48.53
CA GLN B 403 14.01 13.66 -49.84
C GLN B 403 12.85 13.58 -50.82
N GLY B 404 11.71 13.12 -50.32
CA GLY B 404 10.51 13.04 -51.11
C GLY B 404 10.13 14.42 -51.61
N LEU B 405 10.03 15.36 -50.67
CA LEU B 405 9.76 16.75 -50.99
C LEU B 405 10.77 17.35 -51.99
N ALA B 406 12.07 17.15 -51.72
CA ALA B 406 13.10 17.65 -52.58
C ALA B 406 12.91 17.12 -54.00
N LEU B 407 12.49 15.85 -54.10
CA LEU B 407 12.12 15.25 -55.38
C LEU B 407 10.96 15.97 -56.07
N LEU B 408 9.91 16.28 -55.32
CA LEU B 408 8.79 17.01 -55.90
C LEU B 408 9.26 18.34 -56.51
N TRP B 409 10.20 18.97 -55.84
CA TRP B 409 10.79 20.21 -56.33
C TRP B 409 11.59 20.03 -57.59
N GLU B 410 12.32 18.93 -57.66
CA GLU B 410 13.08 18.54 -58.81
C GLU B 410 12.09 18.32 -59.97
N ILE B 411 10.97 17.66 -59.68
CA ILE B 411 9.90 17.42 -60.67
C ILE B 411 9.34 18.72 -61.22
N ILE B 412 9.06 19.67 -60.32
CA ILE B 412 8.44 20.94 -60.71
C ILE B 412 9.28 21.76 -61.68
N LYS B 413 10.60 21.80 -61.46
CA LYS B 413 11.54 22.53 -62.32
C LYS B 413 12.06 21.68 -63.48
N SER B 414 11.61 20.43 -63.55
CA SER B 414 12.03 19.50 -64.62
C SER B 414 11.48 19.84 -66.01
N ASP B 415 12.38 19.83 -66.99
CA ASP B 415 12.03 20.05 -68.43
C ASP B 415 11.66 18.78 -69.22
N ASN B 416 11.50 17.65 -68.53
CA ASN B 416 11.05 16.40 -69.15
C ASN B 416 9.58 16.06 -68.84
N LEU B 417 8.93 16.84 -67.99
CA LEU B 417 7.56 16.53 -67.64
C LEU B 417 6.66 17.57 -68.23
N SER B 418 5.50 17.11 -68.70
CA SER B 418 4.46 18.03 -69.05
C SER B 418 3.88 18.60 -67.76
N PHE B 419 3.14 19.70 -67.91
CA PHE B 419 2.47 20.30 -66.78
C PHE B 419 1.58 19.27 -66.06
N VAL B 420 0.82 18.48 -66.82
CA VAL B 420 -0.10 17.53 -66.19
C VAL B 420 0.63 16.39 -65.44
N SER B 421 1.72 15.85 -66.01
CA SER B 421 2.56 14.90 -65.26
C SER B 421 3.11 15.54 -63.97
N LYS B 422 3.41 16.84 -63.98
CA LYS B 422 3.87 17.48 -62.75
C LYS B 422 2.77 17.49 -61.68
N LEU B 423 1.52 17.77 -62.08
CA LEU B 423 0.43 17.88 -61.12
C LEU B 423 0.15 16.54 -60.49
N ARG B 424 0.23 15.49 -61.32
CA ARG B 424 -0.13 14.13 -60.97
C ARG B 424 0.75 13.69 -59.83
N LEU B 425 2.05 13.77 -60.08
CA LEU B 425 2.99 13.43 -59.05
C LEU B 425 2.76 14.29 -57.79
N ALA B 426 2.47 15.57 -57.94
CA ALA B 426 2.25 16.43 -56.78
C ALA B 426 1.07 15.90 -56.01
N PHE B 427 0.04 15.46 -56.73
CA PHE B 427 -1.19 15.00 -56.10
C PHE B 427 -1.03 13.65 -55.40
N ILE B 428 -0.22 12.79 -55.97
CA ILE B 428 0.17 11.54 -55.35
C ILE B 428 1.03 11.78 -54.09
N PHE B 429 2.10 12.56 -54.20
CA PHE B 429 2.98 12.87 -53.04
C PHE B 429 2.23 13.60 -51.92
N ASP B 430 1.19 14.35 -52.27
CA ASP B 430 0.42 15.04 -51.27
C ASP B 430 -0.35 14.09 -50.35
N GLU B 431 -0.53 12.84 -50.77
CA GLU B 431 -1.09 11.86 -49.85
C GLU B 431 -0.28 11.75 -48.57
N ILE B 432 1.02 12.01 -48.68
CA ILE B 432 1.91 11.93 -47.54
C ILE B 432 2.10 13.35 -46.98
N MET B 433 2.50 14.26 -47.86
CA MET B 433 2.63 15.68 -47.56
C MET B 433 1.39 16.27 -46.84
N SER B 434 0.18 15.92 -47.31
CA SER B 434 -1.08 16.55 -46.86
C SER B 434 -0.90 18.07 -46.64
N LEU B 435 -0.50 18.75 -47.70
CA LEU B 435 -0.45 20.21 -47.69
C LEU B 435 -1.67 20.83 -48.32
N ASN B 436 -2.75 20.05 -48.47
CA ASN B 436 -3.97 20.51 -49.12
C ASN B 436 -3.67 21.10 -50.51
N LEU B 437 -2.93 20.41 -51.37
CA LEU B 437 -2.52 21.01 -52.64
C LEU B 437 -3.66 21.31 -53.61
N ARG B 438 -4.51 20.32 -53.88
CA ARG B 438 -5.75 20.46 -54.67
C ARG B 438 -6.59 21.67 -54.22
N GLU B 439 -6.85 21.75 -52.92
CA GLU B 439 -7.65 22.84 -52.34
C GLU B 439 -7.02 24.21 -52.46
N GLU B 440 -5.75 24.34 -52.10
CA GLU B 440 -5.00 25.59 -52.22
C GLU B 440 -4.85 26.11 -53.67
N ILE B 441 -4.70 25.20 -54.63
CA ILE B 441 -4.70 25.62 -56.01
C ILE B 441 -6.02 26.32 -56.37
N LEU B 442 -7.14 25.70 -56.01
CA LEU B 442 -8.44 26.28 -56.28
C LEU B 442 -8.66 27.63 -55.56
N LYS B 443 -8.17 27.76 -54.33
CA LYS B 443 -8.25 29.03 -53.62
C LYS B 443 -7.44 30.06 -54.41
N ASN B 444 -6.19 29.72 -54.72
CA ASN B 444 -5.32 30.54 -55.55
C ASN B 444 -5.99 31.03 -56.85
N LEU B 445 -6.69 30.14 -57.55
CA LEU B 445 -7.25 30.50 -58.86
C LEU B 445 -8.45 31.37 -58.70
N GLN B 446 -9.26 31.07 -57.70
CA GLN B 446 -10.44 31.89 -57.39
C GLN B 446 -10.05 33.34 -57.11
N ASN B 447 -8.84 33.57 -56.58
CA ASN B 447 -8.35 34.92 -56.24
C ASN B 447 -7.73 35.73 -57.41
N HIS B 448 -7.59 35.13 -58.57
CA HIS B 448 -7.10 35.85 -59.75
C HIS B 448 -8.23 36.54 -60.48
N ASP B 449 -7.89 37.36 -61.47
CA ASP B 449 -8.90 38.08 -62.27
C ASP B 449 -9.33 37.26 -63.46
N VAL B 450 -10.50 37.56 -64.02
CA VAL B 450 -10.95 36.80 -65.19
C VAL B 450 -10.27 37.32 -66.47
N VAL B 451 -9.43 36.48 -67.07
CA VAL B 451 -8.86 36.77 -68.38
C VAL B 451 -9.54 35.92 -69.46
N ILE B 452 -10.66 36.43 -69.99
CA ILE B 452 -11.39 35.78 -71.07
C ILE B 452 -10.70 35.96 -72.42
N ASP B 453 -10.14 34.87 -72.93
CA ASP B 453 -9.43 34.88 -74.21
C ASP B 453 -10.09 33.90 -75.18
N GLU B 454 -9.47 33.72 -76.35
CA GLU B 454 -9.94 32.76 -77.36
C GLU B 454 -10.04 31.30 -76.83
N ASN B 455 -9.22 30.95 -75.84
CA ASN B 455 -9.34 29.67 -75.13
C ASN B 455 -10.77 29.42 -74.62
N MET B 456 -11.24 30.35 -73.80
CA MET B 456 -12.49 30.20 -73.08
C MET B 456 -13.70 30.68 -73.88
N LYS B 457 -13.53 31.78 -74.61
CA LYS B 457 -14.61 32.32 -75.43
C LYS B 457 -15.16 31.29 -76.43
N ALA B 458 -14.33 30.30 -76.78
CA ALA B 458 -14.70 29.21 -77.72
C ALA B 458 -15.49 28.08 -77.03
N LEU B 459 -14.98 27.65 -75.88
CA LEU B 459 -15.67 26.69 -75.02
C LEU B 459 -17.00 27.20 -74.45
N ILE B 460 -17.07 28.50 -74.11
CA ILE B 460 -18.31 29.14 -73.68
C ILE B 460 -19.40 28.93 -74.72
N GLU B 461 -18.95 29.06 -75.98
CA GLU B 461 -19.79 29.00 -77.15
C GLU B 461 -20.30 27.60 -77.44
N GLU B 462 -19.45 26.61 -77.20
CA GLU B 462 -19.84 25.22 -77.32
C GLU B 462 -20.91 24.88 -76.27
N ARG B 463 -20.75 25.41 -75.06
CA ARG B 463 -21.81 25.32 -74.06
C ARG B 463 -23.14 25.92 -74.55
N ARG B 464 -23.09 27.14 -75.11
CA ARG B 464 -24.31 27.76 -75.69
C ARG B 464 -24.97 26.87 -76.75
N ILE B 465 -24.15 26.28 -77.64
CA ILE B 465 -24.68 25.40 -78.69
C ILE B 465 -25.20 24.07 -78.14
N ALA B 466 -24.44 23.45 -77.25
CA ALA B 466 -24.87 22.23 -76.56
C ALA B 466 -26.15 22.45 -75.74
N LYS B 467 -26.27 23.61 -75.10
CA LYS B 467 -27.48 23.97 -74.36
C LYS B 467 -28.66 24.13 -75.31
N CYS B 468 -28.39 24.61 -76.53
CA CYS B 468 -29.43 24.73 -77.56
C CYS B 468 -29.86 23.39 -78.19
N GLU B 469 -28.91 22.47 -78.36
CA GLU B 469 -29.21 21.16 -78.95
C GLU B 469 -29.71 20.19 -77.88
N LYS B 470 -29.84 20.69 -76.65
CA LYS B 470 -30.36 19.91 -75.52
C LYS B 470 -29.44 18.73 -75.14
N ASN B 471 -28.15 18.90 -75.42
CA ASN B 471 -27.16 17.95 -74.96
C ASN B 471 -26.62 18.44 -73.64
N PHE B 472 -27.32 18.08 -72.58
CA PHE B 472 -26.98 18.63 -71.28
C PHE B 472 -25.69 18.06 -70.67
N LYS B 473 -25.28 16.84 -71.06
CA LYS B 473 -24.01 16.27 -70.51
C LYS B 473 -22.78 17.13 -70.87
N ARG B 474 -22.78 17.63 -72.11
CA ARG B 474 -21.65 18.37 -72.63
C ARG B 474 -21.66 19.74 -71.99
N ALA B 475 -22.85 20.29 -71.81
CA ALA B 475 -22.96 21.57 -71.15
C ALA B 475 -22.42 21.43 -69.72
N ASP B 476 -22.77 20.31 -69.08
CA ASP B 476 -22.37 20.09 -67.69
C ASP B 476 -20.86 19.93 -67.51
N GLU B 477 -20.20 19.26 -68.48
CA GLU B 477 -18.74 19.01 -68.52
C GLU B 477 -17.96 20.34 -68.65
N ILE B 478 -18.42 21.18 -69.57
CA ILE B 478 -17.85 22.49 -69.79
C ILE B 478 -17.96 23.40 -68.53
N ARG B 479 -19.18 23.54 -68.02
CA ARG B 479 -19.45 24.22 -66.74
C ARG B 479 -18.48 23.69 -65.63
N ASP B 480 -18.37 22.36 -65.56
CA ASP B 480 -17.45 21.65 -64.66
C ASP B 480 -15.99 22.05 -64.92
N PHE B 481 -15.64 22.24 -66.18
CA PHE B 481 -14.28 22.58 -66.50
C PHE B 481 -13.92 23.96 -65.98
N PHE B 482 -14.85 24.89 -66.01
CA PHE B 482 -14.55 26.25 -65.59
C PHE B 482 -14.44 26.24 -64.09
N ALA B 483 -15.37 25.54 -63.47
CA ALA B 483 -15.47 25.53 -62.03
C ALA B 483 -14.23 24.95 -61.33
N LYS B 484 -13.67 23.89 -61.89
CA LYS B 484 -12.48 23.29 -61.29
C LYS B 484 -11.36 24.32 -61.47
N LYS B 485 -11.53 25.22 -62.43
CA LYS B 485 -10.62 26.36 -62.64
C LYS B 485 -10.97 27.64 -61.85
N GLY B 486 -12.05 27.58 -61.08
CA GLY B 486 -12.47 28.71 -60.25
C GLY B 486 -13.46 29.71 -60.86
N PHE B 487 -14.11 29.32 -61.96
CA PHE B 487 -15.05 30.21 -62.66
C PHE B 487 -16.48 29.70 -62.50
N VAL B 488 -17.41 30.60 -62.23
CA VAL B 488 -18.83 30.25 -62.28
C VAL B 488 -19.42 30.89 -63.54
N LEU B 489 -20.32 30.15 -64.19
CA LEU B 489 -20.99 30.69 -65.35
C LEU B 489 -22.32 31.30 -64.95
N VAL B 490 -22.51 32.56 -65.33
CA VAL B 490 -23.77 33.26 -65.14
C VAL B 490 -24.33 33.58 -66.52
N ASP B 491 -25.56 33.11 -66.76
CA ASP B 491 -26.26 33.30 -68.04
C ASP B 491 -27.31 34.41 -67.94
N GLY B 495 -26.77 37.12 -72.44
CA GLY B 495 -25.38 36.69 -72.57
C GLY B 495 -24.94 35.71 -71.49
N THR B 496 -23.68 35.24 -71.58
CA THR B 496 -23.05 34.35 -70.58
C THR B 496 -21.82 35.02 -69.94
N LYS B 497 -21.97 35.48 -68.69
CA LYS B 497 -20.90 36.19 -67.98
C LYS B 497 -20.07 35.24 -67.11
N VAL B 498 -18.81 35.61 -66.90
CA VAL B 498 -17.83 34.73 -66.25
C VAL B 498 -17.22 35.35 -64.97
N LYS B 499 -17.81 34.99 -63.82
CA LYS B 499 -17.37 35.49 -62.53
C LYS B 499 -16.44 34.49 -61.84
N ARG B 500 -15.45 35.02 -61.13
CA ARG B 500 -14.72 34.23 -60.15
C ARG B 500 -15.65 33.96 -58.95
N GLY B 501 -15.92 32.68 -58.72
CA GLY B 501 -16.67 32.22 -57.55
C GLY B 501 -16.27 30.79 -57.21
ZN ZN C . -1.42 -5.16 25.90
P AMP D . 4.09 -0.36 31.79
O1P AMP D . 5.17 -1.41 31.58
O2P AMP D . 4.51 0.95 32.47
O3P AMP D . 3.22 -0.19 30.57
O5' AMP D . 3.11 -1.10 32.84
C5' AMP D . 2.69 -2.44 32.64
C4' AMP D . 1.50 -2.75 33.55
O4' AMP D . 1.61 -2.08 34.81
C3' AMP D . 0.19 -2.29 32.91
O3' AMP D . -0.83 -3.29 33.15
C2' AMP D . -0.10 -0.97 33.60
O2' AMP D . -1.48 -0.62 33.63
C1' AMP D . 0.43 -1.28 34.99
N9 AMP D . 0.78 -0.07 35.76
C8 AMP D . 1.58 0.93 35.37
N7 AMP D . 1.68 1.88 36.34
C5 AMP D . 0.91 1.48 37.37
C6 AMP D . 0.58 2.00 38.72
N6 AMP D . 1.06 3.15 39.19
N1 AMP D . -0.27 1.24 39.47
C2 AMP D . -0.79 0.07 39.04
N3 AMP D . -0.52 -0.47 37.82
C4 AMP D . 0.32 0.18 36.97
ZN ZN E . 2.98 6.74 -23.07
P AMP F . 4.09 15.89 -23.36
O1P AMP F . 2.54 15.90 -23.35
O2P AMP F . 4.86 17.21 -23.02
O3P AMP F . 4.64 14.66 -22.69
O5' AMP F . 4.45 15.53 -24.88
C5' AMP F . 3.67 14.57 -25.58
C4' AMP F . 4.38 14.15 -26.86
O4' AMP F . 5.12 15.25 -27.42
C3' AMP F . 5.37 13.05 -26.53
O3' AMP F . 5.25 12.03 -27.53
C2' AMP F . 6.70 13.75 -26.57
O2' AMP F . 7.74 12.89 -27.04
C1' AMP F . 6.49 14.91 -27.54
N9 AMP F . 7.31 16.11 -27.26
C8 AMP F . 7.38 16.84 -26.11
N7 AMP F . 8.25 17.89 -26.20
C5 AMP F . 8.76 17.84 -27.45
C6 AMP F . 9.75 18.63 -28.26
N6 AMP F . 10.38 19.72 -27.79
N1 AMP F . 10.00 18.22 -29.52
C2 AMP F . 9.41 17.15 -30.07
N3 AMP F . 8.51 16.39 -29.41
C4 AMP F . 8.14 16.68 -28.13
CL CL G . 8.68 15.52 -38.69
#